data_8W7N
#
_entry.id   8W7N
#
_cell.length_a   88.700
_cell.length_b   88.700
_cell.length_c   270.190
_cell.angle_alpha   90.00
_cell.angle_beta   90.00
_cell.angle_gamma   90.00
#
_symmetry.space_group_name_H-M   'P 41 21 2'
#
loop_
_entity.id
_entity.type
_entity.pdbx_description
1 polymer 'Pesticidal crystal protein Cry1Aa'
2 non-polymer 'UNKNOWN ATOM OR ION'
#
_entity_poly.entity_id   1
_entity_poly.type   'polypeptide(L)'
_entity_poly.pdbx_seq_one_letter_code
;YTPIDISLSLTQFLLSEFVPGAGFVLGLVDIIWGIFGPSQWDAFLVQIEQLINQRIEEFARNQAISRLEGLSNLYQIYAE
SFREWEADPTNPALREEMRIQFNDMNSALTTAIPLFAVQNYQVPLLSVYVQAANLHLSVLRDVSVFGQRWGFDAATINSR
YNDLTRLIGNYTDYAVRWYNTGLERVWGPDSRDWVRYNQFRRELTLTVLDIVALFSNYDSRRYPIRTVSQLTREIYTNPV
LENFDGSFRGMAQRIEQNIRQPHLMDILNRITIYTDVHRGFNYWSGHQITASPVGFSGPEFAFPLFGNAGNAAPPVLVSL
TGLGIFRTLSSPLYRRIILGSGPNNQELFVLDGTEFSFASLTTNLPSTIYRQRGTVDSLDVIPPQDNSVPPRAGFSHRLS
HVTMLSQAAGAVYTLRAPTFSWQHRSAEFNNIIPSSQITQIPLTKSTNLGSGTSVVKGPGFTGGDILRRTSPGQISTLRV
NITAPLSQRYRVRIRYASTTNLQFHTSIDGRPINQGNFSATMSSGSNLQSGSFRTVGFTTPFNFSNGSSVFTLSAHVFNS
GNEVYIDRIEFVPAEVTFEAEYDLERAQKAVNELFTSSNQIGLKTDVTDYHIDQVSNLVECLSDEFCLDEKQELSEKVKH
AKRLSDERNLLQDPNFRGINRQLDRGWRGSTDITIQGGDDVFKENYVTLLGTFDECYPTYLYQKIDESKLKAYTRYQLRG
YIEDSQDLEIYLIRYNAKHETVNVPGTGSLWPLSAQSPIGKCGEPNRCAPHLEWNPDLDCSCRDGEKCAHHSHHFSLDID
VGCTDLNEDLGVWVIFKIKTQDGHARLGNLEFLEEKPLVGEALARVKRAEKKWRDKREKLEWETNIVYKEAKESVDALFV
NSQYDRLQADTNIAMIHAADKRVHSIREAYLPELSVIPGVNAAIFEELEGRIFTAFSLYDARNVIKNGDFNNGLSCWNVK
GHVDVEEQNNHRSVLVVPEWEAEVSQEVRVCPGRGYILRVTAYKEGYGEGCVTIHEIENNTDELKFSNCAEEEIYPNNTV
TCNDYTVNQEEYGGAYTSRNRGYNEAPSVPADYASVYEEKSYTDGRRENPCEFNRGYRDYTPLPAGYVTKELEYFPETDK
VWIEIGETEGTFIVDSVELLLMEE
;
_entity_poly.pdbx_strand_id   A
#
loop_
_chem_comp.id
_chem_comp.type
_chem_comp.name
_chem_comp.formula
UNX non-polymer 'UNKNOWN ATOM OR ION' ?
#
# COMPACT_ATOMS: atom_id res chain seq x y z
N TYR A 1 -20.34 51.97 6.52
CA TYR A 1 -19.21 51.96 5.56
C TYR A 1 -17.87 51.98 6.29
N THR A 2 -17.68 51.03 7.20
CA THR A 2 -16.41 50.83 7.87
C THR A 2 -15.66 49.73 7.13
N PRO A 3 -14.32 49.60 7.28
CA PRO A 3 -13.56 48.52 6.66
C PRO A 3 -14.15 47.12 6.75
N ILE A 4 -15.11 46.90 7.65
CA ILE A 4 -15.75 45.61 7.83
C ILE A 4 -16.89 45.47 6.82
N ASP A 5 -17.79 46.47 6.78
CA ASP A 5 -18.90 46.51 5.83
C ASP A 5 -18.41 46.17 4.42
N ILE A 6 -17.18 46.62 4.11
CA ILE A 6 -16.58 46.52 2.79
C ILE A 6 -15.84 45.20 2.67
N SER A 7 -15.19 44.76 3.76
CA SER A 7 -14.54 43.45 3.82
C SER A 7 -15.55 42.38 3.43
N LEU A 8 -16.64 42.30 4.20
CA LEU A 8 -17.76 41.44 3.89
C LEU A 8 -18.10 41.55 2.41
N SER A 9 -18.35 42.79 1.97
CA SER A 9 -18.82 43.11 0.62
C SER A 9 -17.99 42.37 -0.43
N LEU A 10 -16.68 42.27 -0.18
CA LEU A 10 -15.77 41.49 -1.00
C LEU A 10 -16.06 40.00 -0.83
N THR A 11 -16.04 39.54 0.42
CA THR A 11 -16.19 38.13 0.72
C THR A 11 -17.47 37.59 0.09
N GLN A 12 -18.56 38.35 0.22
CA GLN A 12 -19.82 38.05 -0.46
C GLN A 12 -19.52 37.71 -1.91
N PHE A 13 -18.93 38.68 -2.60
CA PHE A 13 -18.61 38.57 -4.02
C PHE A 13 -17.62 37.43 -4.25
N LEU A 14 -16.65 37.27 -3.33
CA LEU A 14 -15.63 36.25 -3.48
C LEU A 14 -16.27 34.87 -3.42
N LEU A 15 -17.18 34.67 -2.45
CA LEU A 15 -17.80 33.37 -2.25
C LEU A 15 -18.64 32.98 -3.47
N SER A 16 -19.37 33.95 -4.04
CA SER A 16 -20.26 33.68 -5.16
C SER A 16 -19.49 33.57 -6.47
N GLU A 17 -19.32 34.69 -7.19
CA GLU A 17 -18.73 34.68 -8.52
C GLU A 17 -17.20 34.68 -8.44
N PHE A 18 -16.61 33.48 -8.40
CA PHE A 18 -15.15 33.31 -8.38
C PHE A 18 -14.62 33.15 -9.81
N VAL A 19 -15.51 32.76 -10.74
CA VAL A 19 -15.14 32.42 -12.11
C VAL A 19 -14.13 33.43 -12.66
N PRO A 20 -13.09 32.96 -13.39
CA PRO A 20 -12.14 33.87 -14.04
C PRO A 20 -12.76 34.69 -15.16
N GLY A 21 -11.94 35.54 -15.78
CA GLY A 21 -12.38 36.41 -16.86
C GLY A 21 -12.36 37.87 -16.44
N ALA A 22 -13.02 38.71 -17.23
CA ALA A 22 -13.11 40.13 -16.96
C ALA A 22 -14.03 40.37 -15.77
N GLY A 23 -14.99 39.45 -15.55
CA GLY A 23 -16.00 39.61 -14.52
C GLY A 23 -15.40 39.80 -13.12
N PHE A 24 -14.30 39.08 -12.86
CA PHE A 24 -13.61 39.10 -11.58
C PHE A 24 -12.77 40.35 -11.40
N VAL A 25 -12.14 40.80 -12.49
CA VAL A 25 -11.09 41.80 -12.45
C VAL A 25 -11.67 43.20 -12.28
N LEU A 26 -12.76 43.49 -13.00
CA LEU A 26 -13.48 44.75 -12.87
C LEU A 26 -14.28 44.75 -11.58
N GLY A 27 -14.77 43.56 -11.21
CA GLY A 27 -15.44 43.34 -9.93
C GLY A 27 -14.55 43.70 -8.74
N LEU A 28 -13.23 43.74 -8.98
CA LEU A 28 -12.28 44.21 -7.98
C LEU A 28 -12.07 45.72 -8.08
N VAL A 29 -12.41 46.33 -9.23
CA VAL A 29 -12.36 47.78 -9.33
C VAL A 29 -13.69 48.37 -8.85
N ASP A 30 -14.74 47.54 -8.75
CA ASP A 30 -16.06 47.98 -8.33
C ASP A 30 -16.15 48.05 -6.80
N ILE A 31 -15.33 47.25 -6.10
CA ILE A 31 -15.51 47.00 -4.67
C ILE A 31 -14.52 47.85 -3.87
N ILE A 32 -13.22 47.61 -4.04
CA ILE A 32 -12.15 48.22 -3.25
C ILE A 32 -11.26 49.08 -4.13
N TRP A 33 -10.45 48.46 -5.00
CA TRP A 33 -9.47 49.17 -5.80
C TRP A 33 -10.19 50.08 -6.80
N GLY A 34 -9.51 51.14 -7.22
CA GLY A 34 -10.08 52.10 -8.15
C GLY A 34 -11.29 52.83 -7.58
N ILE A 35 -11.39 52.83 -6.23
CA ILE A 35 -12.48 53.47 -5.49
C ILE A 35 -11.95 53.97 -4.13
N PHE A 36 -10.95 53.30 -3.57
CA PHE A 36 -10.40 53.70 -2.28
C PHE A 36 -9.46 54.88 -2.42
N GLY A 37 -9.96 56.06 -2.03
CA GLY A 37 -9.10 57.20 -1.74
C GLY A 37 -8.18 56.86 -0.56
N PRO A 38 -7.16 57.69 -0.28
CA PRO A 38 -6.27 57.45 0.86
C PRO A 38 -7.00 57.52 2.21
N SER A 39 -8.16 58.18 2.22
CA SER A 39 -9.03 58.20 3.38
C SER A 39 -9.35 56.78 3.82
N GLN A 40 -9.85 55.94 2.90
CA GLN A 40 -10.42 54.66 3.24
C GLN A 40 -9.31 53.63 3.49
N TRP A 41 -8.10 53.94 3.01
CA TRP A 41 -6.91 53.20 3.40
C TRP A 41 -6.53 53.56 4.83
N ASP A 42 -6.43 54.87 5.12
CA ASP A 42 -6.16 55.34 6.48
C ASP A 42 -7.16 54.72 7.46
N ALA A 43 -8.43 54.63 7.04
CA ALA A 43 -9.52 54.13 7.87
C ALA A 43 -9.37 52.63 8.10
N PHE A 44 -8.95 51.89 7.05
CA PHE A 44 -8.59 50.49 7.19
C PHE A 44 -7.61 50.31 8.33
N LEU A 45 -6.68 51.27 8.45
CA LEU A 45 -5.61 51.22 9.44
C LEU A 45 -6.17 51.56 10.83
N VAL A 46 -6.87 52.69 10.94
CA VAL A 46 -7.32 53.19 12.23
C VAL A 46 -8.16 52.12 12.92
N GLN A 47 -8.63 51.14 12.13
CA GLN A 47 -9.44 50.02 12.59
C GLN A 47 -8.70 49.21 13.65
N ILE A 48 -7.52 48.72 13.30
CA ILE A 48 -6.77 47.81 14.14
C ILE A 48 -5.99 48.64 15.17
N GLU A 49 -5.38 49.73 14.69
CA GLU A 49 -4.64 50.66 15.53
C GLU A 49 -5.33 50.85 16.87
N GLN A 50 -6.62 51.18 16.84
CA GLN A 50 -7.32 51.64 18.02
C GLN A 50 -7.84 50.46 18.83
N LEU A 51 -7.76 49.23 18.29
CA LEU A 51 -8.01 48.05 19.09
C LEU A 51 -6.81 47.73 19.99
N ILE A 52 -5.58 47.97 19.48
CA ILE A 52 -4.33 47.60 20.15
C ILE A 52 -3.57 48.82 20.68
N ASN A 53 -4.11 50.03 20.48
CA ASN A 53 -3.48 51.27 20.92
C ASN A 53 -2.31 51.64 20.01
N GLN A 54 -1.25 50.82 20.01
CA GLN A 54 -0.02 51.14 19.29
C GLN A 54 -0.38 51.71 17.93
N ARG A 55 0.12 52.93 17.66
CA ARG A 55 -0.07 53.57 16.38
C ARG A 55 1.15 53.30 15.51
N ILE A 56 0.93 53.25 14.19
CA ILE A 56 2.03 53.18 13.25
C ILE A 56 2.64 54.57 13.19
N GLU A 57 3.98 54.64 13.09
CA GLU A 57 4.66 55.92 13.02
C GLU A 57 4.40 56.59 11.67
N GLU A 58 4.43 57.93 11.64
CA GLU A 58 3.95 58.69 10.49
C GLU A 58 4.98 58.73 9.36
N PHE A 59 5.79 57.68 9.20
CA PHE A 59 6.53 57.52 7.96
C PHE A 59 6.06 56.26 7.26
N ALA A 60 6.21 55.11 7.91
CA ALA A 60 5.78 53.83 7.36
C ALA A 60 4.27 53.88 7.09
N ARG A 61 3.53 54.42 8.07
CA ARG A 61 2.10 54.67 7.94
C ARG A 61 1.82 55.58 6.75
N ASN A 62 2.69 56.59 6.58
CA ASN A 62 2.54 57.62 5.56
C ASN A 62 2.90 57.08 4.18
N GLN A 63 3.59 55.93 4.12
CA GLN A 63 4.11 55.39 2.87
C GLN A 63 3.44 54.07 2.51
N ALA A 64 2.79 53.44 3.49
CA ALA A 64 1.86 52.37 3.20
C ALA A 64 0.73 52.92 2.34
N ILE A 65 0.26 54.12 2.70
CA ILE A 65 -0.90 54.73 2.08
C ILE A 65 -0.53 55.19 0.67
N SER A 66 0.54 55.98 0.55
CA SER A 66 0.91 56.57 -0.73
C SER A 66 1.24 55.50 -1.75
N ARG A 67 1.63 54.31 -1.26
CA ARG A 67 1.78 53.15 -2.11
C ARG A 67 0.41 52.69 -2.61
N LEU A 68 -0.48 52.35 -1.68
CA LEU A 68 -1.81 51.83 -2.00
C LEU A 68 -2.48 52.69 -3.08
N GLU A 69 -2.37 54.01 -2.96
CA GLU A 69 -2.96 54.91 -3.93
C GLU A 69 -2.35 54.56 -5.29
N GLY A 70 -1.03 54.32 -5.30
CA GLY A 70 -0.30 53.90 -6.49
C GLY A 70 -0.86 52.61 -7.10
N LEU A 71 -0.93 51.55 -6.28
CA LEU A 71 -1.44 50.26 -6.75
C LEU A 71 -2.85 50.41 -7.31
N SER A 72 -3.63 51.35 -6.74
CA SER A 72 -5.01 51.54 -7.15
C SER A 72 -5.08 52.27 -8.50
N ASN A 73 -4.02 53.01 -8.85
CA ASN A 73 -3.96 53.67 -10.14
C ASN A 73 -3.53 52.67 -11.21
N LEU A 74 -2.47 51.92 -10.91
CA LEU A 74 -1.94 50.92 -11.83
C LEU A 74 -3.04 49.93 -12.22
N TYR A 75 -3.80 49.44 -11.23
CA TYR A 75 -4.77 48.37 -11.45
C TYR A 75 -5.89 48.83 -12.39
N GLN A 76 -6.07 50.15 -12.51
CA GLN A 76 -6.97 50.68 -13.53
C GLN A 76 -6.40 50.42 -14.92
N ILE A 77 -5.09 50.66 -15.10
CA ILE A 77 -4.48 50.57 -16.42
C ILE A 77 -4.43 49.11 -16.87
N TYR A 78 -4.42 48.18 -15.88
CA TYR A 78 -4.39 46.73 -16.10
C TYR A 78 -5.78 46.18 -16.41
N ALA A 79 -6.78 46.59 -15.63
CA ALA A 79 -8.13 46.07 -15.79
C ALA A 79 -8.77 46.62 -17.07
N GLU A 80 -8.58 47.92 -17.31
CA GLU A 80 -9.09 48.59 -18.49
C GLU A 80 -8.63 47.86 -19.75
N SER A 81 -7.30 47.67 -19.84
CA SER A 81 -6.70 46.94 -20.94
C SER A 81 -7.37 45.57 -21.09
N PHE A 82 -7.43 44.83 -19.97
CA PHE A 82 -7.96 43.48 -19.95
C PHE A 82 -9.40 43.45 -20.47
N ARG A 83 -10.19 44.46 -20.09
CA ARG A 83 -11.59 44.56 -20.50
C ARG A 83 -11.68 44.64 -22.03
N GLU A 84 -10.91 45.59 -22.57
CA GLU A 84 -10.86 45.88 -23.98
C GLU A 84 -10.25 44.69 -24.72
N TRP A 85 -9.34 43.98 -24.04
CA TRP A 85 -8.77 42.77 -24.59
C TRP A 85 -9.87 41.74 -24.80
N GLU A 86 -10.61 41.43 -23.73
CA GLU A 86 -11.58 40.36 -23.80
C GLU A 86 -12.52 40.60 -24.99
N ALA A 87 -12.87 41.86 -25.24
CA ALA A 87 -13.81 42.23 -26.30
C ALA A 87 -13.22 41.97 -27.69
N ASP A 88 -11.88 42.03 -27.80
CA ASP A 88 -11.19 41.75 -29.06
C ASP A 88 -9.87 41.03 -28.74
N PRO A 89 -9.95 39.74 -28.35
CA PRO A 89 -8.81 39.02 -27.78
C PRO A 89 -7.63 38.67 -28.69
N THR A 90 -7.54 39.34 -29.84
CA THR A 90 -6.64 38.91 -30.91
C THR A 90 -5.97 40.10 -31.58
N ASN A 91 -6.43 41.33 -31.29
CA ASN A 91 -5.67 42.52 -31.61
C ASN A 91 -4.26 42.35 -31.05
N PRO A 92 -3.19 42.50 -31.86
CA PRO A 92 -1.83 42.31 -31.36
C PRO A 92 -1.41 43.35 -30.33
N ALA A 93 -1.75 44.62 -30.59
CA ALA A 93 -1.33 45.70 -29.71
C ALA A 93 -1.91 45.49 -28.33
N LEU A 94 -3.19 45.06 -28.28
CA LEU A 94 -3.91 44.85 -27.03
C LEU A 94 -3.33 43.69 -26.24
N ARG A 95 -3.05 42.57 -26.92
CA ARG A 95 -2.45 41.41 -26.28
C ARG A 95 -1.07 41.77 -25.74
N GLU A 96 -0.30 42.52 -26.55
CA GLU A 96 0.99 43.03 -26.13
C GLU A 96 0.80 43.92 -24.91
N GLU A 97 0.04 45.00 -25.10
CA GLU A 97 -0.29 45.94 -24.04
C GLU A 97 -0.58 45.17 -22.75
N MET A 98 -1.11 43.94 -22.87
CA MET A 98 -1.52 43.17 -21.72
C MET A 98 -0.31 42.54 -21.01
N ARG A 99 0.69 42.08 -21.78
CA ARG A 99 1.90 41.53 -21.19
C ARG A 99 2.68 42.62 -20.45
N ILE A 100 2.68 43.84 -21.00
CA ILE A 100 3.31 45.01 -20.39
C ILE A 100 2.69 45.24 -19.02
N GLN A 101 1.35 45.24 -18.98
CA GLN A 101 0.60 45.69 -17.81
C GLN A 101 0.41 44.54 -16.81
N PHE A 102 0.79 43.31 -17.17
CA PHE A 102 0.86 42.24 -16.17
C PHE A 102 2.20 42.30 -15.44
N ASN A 103 3.30 42.40 -16.21
CA ASN A 103 4.64 42.50 -15.66
C ASN A 103 4.70 43.67 -14.67
N ASP A 104 4.21 44.82 -15.12
CA ASP A 104 4.15 46.03 -14.31
C ASP A 104 3.42 45.75 -13.00
N MET A 105 2.28 45.05 -13.11
CA MET A 105 1.39 44.81 -11.98
C MET A 105 2.02 43.77 -11.04
N ASN A 106 2.59 42.72 -11.62
CA ASN A 106 3.20 41.66 -10.84
C ASN A 106 4.37 42.24 -10.03
N SER A 107 5.19 43.06 -10.70
CA SER A 107 6.33 43.70 -10.04
C SER A 107 5.88 44.80 -9.07
N ALA A 108 4.67 45.35 -9.29
CA ALA A 108 4.12 46.38 -8.41
C ALA A 108 3.99 45.87 -6.98
N LEU A 109 3.27 44.76 -6.81
CA LEU A 109 2.97 44.23 -5.48
C LEU A 109 4.23 43.61 -4.88
N THR A 110 5.05 42.98 -5.73
CA THR A 110 6.30 42.37 -5.30
C THR A 110 7.16 43.36 -4.51
N THR A 111 7.09 44.66 -4.84
CA THR A 111 7.87 45.69 -4.18
C THR A 111 7.13 46.25 -2.95
N ALA A 112 5.80 46.20 -3.01
CA ALA A 112 4.97 47.00 -2.12
C ALA A 112 4.71 46.31 -0.79
N ILE A 113 4.48 44.99 -0.81
CA ILE A 113 3.98 44.25 0.35
C ILE A 113 4.96 44.31 1.52
N PRO A 114 6.30 44.24 1.31
CA PRO A 114 7.26 44.60 2.35
C PRO A 114 6.93 45.82 3.22
N LEU A 115 6.38 46.88 2.59
CA LEU A 115 6.04 48.11 3.28
C LEU A 115 4.78 47.94 4.13
N PHE A 116 4.10 46.79 3.99
CA PHE A 116 2.89 46.49 4.77
C PHE A 116 3.12 45.30 5.71
N ALA A 117 4.34 44.76 5.74
CA ALA A 117 4.72 43.74 6.71
C ALA A 117 5.91 44.23 7.52
N VAL A 118 5.99 45.55 7.70
CA VAL A 118 7.13 46.21 8.32
C VAL A 118 7.34 45.64 9.72
N GLN A 119 8.61 45.49 10.10
CA GLN A 119 8.95 44.95 11.40
C GLN A 119 8.64 46.01 12.46
N ASN A 120 8.01 45.52 13.54
CA ASN A 120 7.60 46.30 14.70
C ASN A 120 6.30 47.07 14.40
N TYR A 121 5.59 46.69 13.33
CA TYR A 121 4.26 47.21 13.08
C TYR A 121 3.43 46.24 12.24
N GLN A 122 3.68 44.93 12.42
CA GLN A 122 3.17 43.93 11.50
C GLN A 122 1.64 43.91 11.55
N VAL A 123 1.11 43.87 12.78
CA VAL A 123 -0.27 43.54 13.04
C VAL A 123 -1.22 44.59 12.46
N PRO A 124 -1.02 45.91 12.69
CA PRO A 124 -1.95 46.93 12.18
C PRO A 124 -1.95 47.18 10.67
N LEU A 125 -1.13 46.46 9.90
CA LEU A 125 -1.16 46.60 8.45
C LEU A 125 -1.83 45.39 7.78
N LEU A 126 -2.48 44.52 8.57
CA LEU A 126 -2.95 43.24 8.05
C LEU A 126 -4.20 43.42 7.20
N SER A 127 -5.07 44.36 7.61
CA SER A 127 -6.29 44.62 6.86
C SER A 127 -5.96 45.26 5.51
N VAL A 128 -4.75 45.86 5.43
CA VAL A 128 -4.17 46.34 4.18
C VAL A 128 -3.42 45.20 3.50
N TYR A 129 -2.43 44.63 4.21
CA TYR A 129 -1.63 43.53 3.71
C TYR A 129 -2.53 42.54 2.97
N VAL A 130 -3.60 42.07 3.62
CA VAL A 130 -4.47 41.06 3.04
C VAL A 130 -5.00 41.53 1.69
N GLN A 131 -5.49 42.77 1.61
CA GLN A 131 -6.02 43.29 0.36
C GLN A 131 -4.94 43.26 -0.72
N ALA A 132 -3.79 43.86 -0.41
CA ALA A 132 -2.65 43.86 -1.30
C ALA A 132 -2.32 42.43 -1.73
N ALA A 133 -2.08 41.56 -0.74
CA ALA A 133 -1.70 40.18 -1.01
C ALA A 133 -2.78 39.49 -1.85
N ASN A 134 -4.03 39.70 -1.46
CA ASN A 134 -5.17 39.09 -2.11
C ASN A 134 -5.23 39.54 -3.57
N LEU A 135 -4.80 40.79 -3.83
CA LEU A 135 -4.78 41.31 -5.19
C LEU A 135 -3.68 40.64 -6.01
N HIS A 136 -2.55 40.32 -5.34
CA HIS A 136 -1.40 39.73 -5.99
C HIS A 136 -1.71 38.34 -6.50
N LEU A 137 -2.66 37.65 -5.86
CA LEU A 137 -2.99 36.27 -6.19
C LEU A 137 -3.94 36.23 -7.40
N SER A 138 -4.82 37.24 -7.48
CA SER A 138 -5.77 37.36 -8.58
C SER A 138 -5.01 37.45 -9.90
N VAL A 139 -4.02 38.33 -9.93
CA VAL A 139 -3.32 38.72 -11.15
C VAL A 139 -2.38 37.58 -11.58
N LEU A 140 -1.93 36.77 -10.63
CA LEU A 140 -1.05 35.64 -10.90
C LEU A 140 -1.84 34.48 -11.50
N ARG A 141 -3.08 34.26 -11.03
CA ARG A 141 -3.96 33.29 -11.67
C ARG A 141 -4.26 33.71 -13.09
N ASP A 142 -4.34 35.03 -13.33
CA ASP A 142 -4.73 35.59 -14.61
C ASP A 142 -3.72 35.20 -15.69
N VAL A 143 -2.42 35.24 -15.36
CA VAL A 143 -1.41 34.78 -16.30
C VAL A 143 -1.55 33.26 -16.50
N SER A 144 -1.88 32.52 -15.42
CA SER A 144 -2.05 31.07 -15.45
C SER A 144 -3.17 30.64 -16.39
N VAL A 145 -4.13 31.54 -16.64
CA VAL A 145 -5.24 31.26 -17.54
C VAL A 145 -4.93 31.89 -18.90
N PHE A 146 -4.58 33.19 -18.87
CA PHE A 146 -4.62 34.03 -20.07
C PHE A 146 -3.22 34.28 -20.63
N GLY A 147 -2.21 33.59 -20.10
CA GLY A 147 -0.82 33.83 -20.46
C GLY A 147 -0.53 33.61 -21.95
N GLN A 148 -0.63 32.35 -22.40
CA GLN A 148 -0.32 32.00 -23.78
C GLN A 148 -1.41 32.53 -24.71
N ARG A 149 -2.60 32.82 -24.17
CA ARG A 149 -3.59 33.59 -24.91
C ARG A 149 -3.07 35.00 -25.18
N TRP A 150 -2.33 35.57 -24.21
CA TRP A 150 -1.78 36.90 -24.32
C TRP A 150 -0.57 36.91 -25.25
N GLY A 151 0.43 36.07 -24.94
CA GLY A 151 1.65 36.02 -25.74
C GLY A 151 2.76 35.15 -25.14
N PHE A 152 2.95 35.25 -23.82
CA PHE A 152 4.06 34.62 -23.13
C PHE A 152 4.21 33.15 -23.52
N ASP A 153 5.46 32.68 -23.50
CA ASP A 153 5.80 31.28 -23.68
C ASP A 153 5.31 30.49 -22.47
N ALA A 154 5.11 29.18 -22.65
CA ALA A 154 4.52 28.35 -21.62
C ALA A 154 5.47 28.18 -20.42
N ALA A 155 6.76 28.49 -20.59
CA ALA A 155 7.76 28.39 -19.53
C ALA A 155 7.57 29.51 -18.49
N THR A 156 7.42 30.76 -18.94
CA THR A 156 7.20 31.89 -18.03
C THR A 156 5.86 31.74 -17.32
N ILE A 157 4.96 30.94 -17.91
CA ILE A 157 3.64 30.69 -17.33
C ILE A 157 3.77 29.79 -16.11
N ASN A 158 4.56 28.71 -16.22
CA ASN A 158 4.70 27.76 -15.12
C ASN A 158 5.53 28.39 -14.01
N SER A 159 6.55 29.18 -14.38
CA SER A 159 7.34 29.92 -13.41
C SER A 159 6.46 30.89 -12.62
N ARG A 160 5.49 31.52 -13.31
CA ARG A 160 4.51 32.37 -12.65
C ARG A 160 3.47 31.53 -11.92
N TYR A 161 3.23 30.29 -12.38
CA TYR A 161 2.35 29.36 -11.69
C TYR A 161 3.01 28.79 -10.44
N ASN A 162 4.34 28.63 -10.44
CA ASN A 162 5.06 28.27 -9.24
C ASN A 162 4.76 29.29 -8.14
N ASP A 163 5.04 30.56 -8.47
CA ASP A 163 4.99 31.65 -7.52
C ASP A 163 3.55 31.90 -7.09
N LEU A 164 2.57 31.46 -7.89
CA LEU A 164 1.18 31.49 -7.47
C LEU A 164 0.97 30.47 -6.35
N THR A 165 1.34 29.22 -6.60
CA THR A 165 1.14 28.14 -5.62
C THR A 165 2.01 28.39 -4.39
N ARG A 166 2.98 29.30 -4.52
CA ARG A 166 3.90 29.63 -3.45
C ARG A 166 3.28 30.71 -2.55
N LEU A 167 2.85 31.82 -3.15
CA LEU A 167 2.42 33.00 -2.40
C LEU A 167 1.02 32.83 -1.79
N ILE A 168 0.29 31.77 -2.21
CA ILE A 168 -0.95 31.39 -1.54
C ILE A 168 -0.61 30.82 -0.16
N GLY A 169 0.49 30.06 -0.10
CA GLY A 169 0.99 29.60 1.18
C GLY A 169 1.52 30.77 2.01
N ASN A 170 2.54 31.45 1.49
CA ASN A 170 3.35 32.37 2.26
C ASN A 170 2.52 33.54 2.76
N TYR A 171 1.58 34.00 1.92
CA TYR A 171 0.75 35.13 2.25
C TYR A 171 -0.26 34.73 3.31
N THR A 172 -0.59 33.43 3.37
CA THR A 172 -1.52 32.91 4.36
C THR A 172 -0.82 32.75 5.70
N ASP A 173 0.25 31.95 5.76
CA ASP A 173 0.92 31.64 7.01
C ASP A 173 1.27 32.93 7.76
N TYR A 174 1.75 33.95 7.03
CA TYR A 174 2.08 35.23 7.61
C TYR A 174 0.82 35.90 8.16
N ALA A 175 -0.28 35.81 7.42
CA ALA A 175 -1.52 36.44 7.81
C ALA A 175 -2.08 35.78 9.08
N VAL A 176 -1.54 34.62 9.47
CA VAL A 176 -2.03 33.87 10.63
C VAL A 176 -1.11 34.08 11.84
N ARG A 177 0.21 34.06 11.62
CA ARG A 177 1.16 34.33 12.69
C ARG A 177 0.78 35.62 13.40
N TRP A 178 0.44 36.65 12.62
CA TRP A 178 0.32 38.01 13.12
C TRP A 178 -1.09 38.31 13.64
N TYR A 179 -2.08 37.53 13.20
CA TYR A 179 -3.39 37.52 13.83
C TYR A 179 -3.28 36.92 15.23
N ASN A 180 -2.49 35.84 15.36
CA ASN A 180 -2.30 35.15 16.63
C ASN A 180 -1.52 36.03 17.61
N THR A 181 -0.32 36.44 17.20
CA THR A 181 0.50 37.25 18.09
C THR A 181 -0.15 38.63 18.23
N GLY A 182 -1.07 38.97 17.32
CA GLY A 182 -1.88 40.19 17.46
C GLY A 182 -2.98 40.05 18.50
N LEU A 183 -3.58 38.85 18.58
CA LEU A 183 -4.66 38.58 19.50
C LEU A 183 -4.12 38.20 20.87
N GLU A 184 -2.89 37.67 20.93
CA GLU A 184 -2.32 37.21 22.18
C GLU A 184 -1.99 38.38 23.11
N ARG A 185 -1.60 39.53 22.54
CA ARG A 185 -1.10 40.64 23.33
C ARG A 185 -2.23 41.57 23.76
N VAL A 186 -3.45 41.34 23.23
CA VAL A 186 -4.61 42.16 23.54
C VAL A 186 -5.52 41.42 24.53
N TRP A 187 -5.04 40.30 25.08
CA TRP A 187 -5.73 39.56 26.13
C TRP A 187 -5.58 40.31 27.44
N GLY A 188 -6.12 39.74 28.52
CA GLY A 188 -5.96 40.26 29.85
C GLY A 188 -6.98 39.63 30.78
N PRO A 189 -7.04 40.05 32.06
CA PRO A 189 -7.87 39.36 33.07
C PRO A 189 -9.31 39.83 33.24
N ASP A 190 -9.54 41.15 33.18
CA ASP A 190 -10.80 41.76 33.62
C ASP A 190 -11.91 41.49 32.61
N SER A 191 -13.07 42.13 32.83
CA SER A 191 -14.15 42.16 31.84
C SER A 191 -13.66 42.79 30.54
N ARG A 192 -13.03 43.98 30.67
CA ARG A 192 -12.56 44.80 29.56
C ARG A 192 -11.79 43.97 28.53
N ASP A 193 -10.84 43.18 29.04
CA ASP A 193 -9.82 42.53 28.23
C ASP A 193 -10.33 41.18 27.72
N TRP A 194 -11.63 40.94 27.91
CA TRP A 194 -12.34 40.00 27.09
C TRP A 194 -13.06 40.75 25.97
N VAL A 195 -13.49 41.98 26.25
CA VAL A 195 -14.25 42.78 25.31
C VAL A 195 -13.34 43.28 24.20
N ARG A 196 -12.16 43.82 24.53
CA ARG A 196 -11.22 44.24 23.51
C ARG A 196 -10.66 43.02 22.78
N TYR A 197 -10.56 41.89 23.50
CA TYR A 197 -10.10 40.62 22.93
C TYR A 197 -11.06 40.09 21.87
N ASN A 198 -12.34 39.97 22.25
CA ASN A 198 -13.38 39.46 21.36
C ASN A 198 -13.57 40.40 20.18
N GLN A 199 -13.41 41.71 20.42
CA GLN A 199 -13.58 42.72 19.39
C GLN A 199 -12.44 42.67 18.37
N PHE A 200 -11.29 42.10 18.77
CA PHE A 200 -10.19 41.87 17.86
C PHE A 200 -10.49 40.61 17.06
N ARG A 201 -10.75 39.51 17.77
CA ARG A 201 -11.10 38.24 17.17
C ARG A 201 -12.20 38.45 16.14
N ARG A 202 -13.34 38.96 16.61
CA ARG A 202 -14.47 39.19 15.73
C ARG A 202 -13.99 39.95 14.51
N GLU A 203 -13.66 41.23 14.73
CA GLU A 203 -13.43 42.16 13.64
C GLU A 203 -12.45 41.55 12.66
N LEU A 204 -11.25 41.19 13.15
CA LEU A 204 -10.20 40.82 12.23
C LEU A 204 -10.46 39.43 11.66
N THR A 205 -11.32 38.62 12.30
CA THR A 205 -11.76 37.38 11.68
C THR A 205 -12.51 37.71 10.39
N LEU A 206 -13.32 38.79 10.45
CA LEU A 206 -14.06 39.29 9.31
C LEU A 206 -13.14 39.94 8.28
N THR A 207 -12.16 40.74 8.75
CA THR A 207 -11.47 41.68 7.88
C THR A 207 -10.12 41.15 7.37
N VAL A 208 -9.68 39.97 7.84
CA VAL A 208 -8.43 39.40 7.33
C VAL A 208 -8.58 37.91 7.07
N LEU A 209 -9.17 37.15 8.01
CA LEU A 209 -9.06 35.69 8.00
C LEU A 209 -9.97 35.07 6.96
N ASP A 210 -11.21 35.57 6.86
CA ASP A 210 -12.22 34.99 5.99
C ASP A 210 -11.81 35.13 4.52
N ILE A 211 -11.06 36.19 4.20
CA ILE A 211 -10.46 36.36 2.88
C ILE A 211 -9.38 35.30 2.68
N VAL A 212 -8.57 35.09 3.73
CA VAL A 212 -7.42 34.21 3.70
C VAL A 212 -7.89 32.76 3.47
N ALA A 213 -9.03 32.40 4.06
CA ALA A 213 -9.57 31.06 3.92
C ALA A 213 -9.79 30.72 2.44
N LEU A 214 -10.21 31.74 1.68
CA LEU A 214 -10.57 31.59 0.27
C LEU A 214 -9.35 31.76 -0.64
N PHE A 215 -8.15 31.77 -0.07
CA PHE A 215 -6.94 31.84 -0.88
C PHE A 215 -6.73 30.54 -1.66
N SER A 216 -7.19 29.41 -1.08
CA SER A 216 -7.07 28.10 -1.71
C SER A 216 -7.78 28.09 -3.07
N ASN A 217 -8.79 28.96 -3.23
CA ASN A 217 -9.62 28.95 -4.43
C ASN A 217 -8.88 29.55 -5.62
N TYR A 218 -7.64 30.03 -5.41
CA TYR A 218 -6.89 30.75 -6.44
C TYR A 218 -5.98 29.84 -7.28
N ASP A 219 -5.86 28.55 -6.92
CA ASP A 219 -5.02 27.63 -7.67
C ASP A 219 -5.71 27.29 -8.99
N SER A 220 -5.57 28.19 -9.97
CA SER A 220 -6.12 28.04 -11.31
C SER A 220 -6.37 26.57 -11.66
N ARG A 221 -5.32 25.75 -11.44
CA ARG A 221 -5.23 24.42 -12.03
C ARG A 221 -5.91 23.38 -11.14
N ARG A 222 -6.27 23.75 -9.90
CA ARG A 222 -6.98 22.85 -9.00
C ARG A 222 -8.47 23.20 -9.00
N TYR A 223 -8.78 24.48 -9.21
CA TYR A 223 -10.15 24.97 -9.24
C TYR A 223 -10.37 25.72 -10.55
N PRO A 224 -10.40 25.01 -11.70
CA PRO A 224 -10.50 25.64 -13.02
C PRO A 224 -11.80 26.38 -13.31
N ILE A 225 -12.94 25.70 -13.04
CA ILE A 225 -14.26 26.30 -13.21
C ILE A 225 -14.68 26.95 -11.89
N ARG A 226 -15.95 27.32 -11.83
CA ARG A 226 -16.54 27.89 -10.63
C ARG A 226 -16.28 26.97 -9.44
N THR A 227 -16.17 27.60 -8.26
CA THR A 227 -16.17 26.88 -7.00
C THR A 227 -16.78 27.78 -5.93
N VAL A 228 -17.46 27.15 -4.96
CA VAL A 228 -18.09 27.85 -3.85
C VAL A 228 -17.69 27.14 -2.56
N SER A 229 -16.79 27.77 -1.80
CA SER A 229 -16.40 27.24 -0.50
C SER A 229 -17.28 27.88 0.57
N GLN A 230 -17.30 27.29 1.77
CA GLN A 230 -18.18 27.71 2.86
C GLN A 230 -17.38 28.12 4.09
N LEU A 231 -17.82 29.18 4.76
CA LEU A 231 -17.17 29.64 5.98
C LEU A 231 -18.02 29.20 7.17
N THR A 232 -17.55 28.14 7.84
CA THR A 232 -18.30 27.43 8.87
C THR A 232 -18.08 28.06 10.25
N ARG A 233 -17.05 28.90 10.40
CA ARG A 233 -16.66 29.43 11.69
C ARG A 233 -17.76 30.29 12.29
N GLU A 234 -17.66 30.53 13.60
CA GLU A 234 -18.59 31.34 14.37
C GLU A 234 -17.89 32.61 14.86
N ILE A 235 -18.70 33.57 15.34
CA ILE A 235 -18.19 34.73 16.04
C ILE A 235 -19.15 35.08 17.18
N TYR A 236 -18.85 36.16 17.89
CA TYR A 236 -19.30 36.25 19.27
C TYR A 236 -19.64 37.69 19.61
N THR A 237 -20.80 37.86 20.26
CA THR A 237 -21.29 39.12 20.78
C THR A 237 -21.80 38.91 22.20
N ASN A 238 -21.84 39.99 22.99
CA ASN A 238 -22.50 39.99 24.29
C ASN A 238 -23.04 41.39 24.52
N PRO A 239 -24.38 41.61 24.50
CA PRO A 239 -24.90 42.97 24.54
C PRO A 239 -24.65 43.63 25.90
N VAL A 240 -24.90 42.89 26.99
CA VAL A 240 -24.81 43.45 28.33
C VAL A 240 -23.39 43.99 28.52
N LEU A 241 -22.40 43.12 28.33
CA LEU A 241 -21.03 43.43 28.71
C LEU A 241 -20.41 44.47 27.77
N GLU A 242 -20.75 44.39 26.47
CA GLU A 242 -20.14 45.26 25.47
C GLU A 242 -20.65 46.68 25.64
N ASN A 243 -21.86 46.83 26.20
CA ASN A 243 -22.49 48.11 26.40
C ASN A 243 -22.58 48.38 27.90
N PHE A 244 -21.42 48.69 28.51
CA PHE A 244 -21.31 48.80 29.96
C PHE A 244 -20.05 49.61 30.29
N ASP A 245 -20.12 50.42 31.34
CA ASP A 245 -19.08 51.37 31.68
C ASP A 245 -18.08 50.75 32.66
N GLY A 246 -18.23 49.46 32.97
CA GLY A 246 -17.52 48.87 34.09
C GLY A 246 -16.86 47.54 33.75
N SER A 247 -15.81 47.20 34.51
CA SER A 247 -15.16 45.90 34.39
C SER A 247 -15.48 45.08 35.64
N PHE A 248 -15.60 43.76 35.47
CA PHE A 248 -15.59 42.81 36.56
C PHE A 248 -14.22 42.11 36.55
N ARG A 249 -13.52 42.15 37.70
CA ARG A 249 -12.09 41.85 37.75
C ARG A 249 -11.85 40.36 37.52
N GLY A 250 -10.73 40.04 36.86
CA GLY A 250 -10.31 38.67 36.59
C GLY A 250 -11.46 37.75 36.18
N MET A 251 -12.19 38.11 35.11
CA MET A 251 -13.42 37.42 34.76
C MET A 251 -13.43 36.94 33.31
N ALA A 252 -12.32 37.11 32.58
CA ALA A 252 -12.31 36.99 31.13
C ALA A 252 -12.46 35.53 30.68
N GLN A 253 -11.70 34.64 31.32
CA GLN A 253 -11.68 33.22 30.98
C GLN A 253 -13.04 32.58 31.26
N ARG A 254 -13.69 33.07 32.33
CA ARG A 254 -15.02 32.60 32.68
C ARG A 254 -15.99 32.93 31.56
N ILE A 255 -15.70 33.99 30.79
CA ILE A 255 -16.51 34.37 29.64
C ILE A 255 -16.05 33.56 28.41
N GLU A 256 -14.81 33.06 28.44
CA GLU A 256 -14.18 32.43 27.29
C GLU A 256 -14.63 30.98 27.11
N GLN A 257 -15.26 30.39 28.13
CA GLN A 257 -15.67 29.00 28.09
C GLN A 257 -17.16 28.86 27.86
N ASN A 258 -17.92 29.90 28.26
CA ASN A 258 -19.30 30.04 27.87
C ASN A 258 -19.38 30.08 26.35
N ILE A 259 -18.25 30.39 25.70
CA ILE A 259 -18.08 30.06 24.30
C ILE A 259 -17.97 28.54 24.17
N ARG A 260 -18.82 27.97 23.30
CA ARG A 260 -18.84 26.54 23.05
C ARG A 260 -17.54 26.17 22.36
N GLN A 261 -17.17 24.89 22.46
CA GLN A 261 -15.88 24.45 21.96
C GLN A 261 -16.05 23.78 20.59
N PRO A 262 -14.98 23.68 19.78
CA PRO A 262 -15.04 23.08 18.44
C PRO A 262 -15.90 21.82 18.37
N HIS A 263 -16.83 21.85 17.40
CA HIS A 263 -18.02 21.01 17.39
C HIS A 263 -18.48 20.83 15.95
N LEU A 264 -19.51 20.01 15.73
CA LEU A 264 -20.16 19.97 14.43
C LEU A 264 -21.13 21.15 14.36
N MET A 265 -21.32 21.72 13.16
CA MET A 265 -22.20 22.86 12.98
C MET A 265 -23.65 22.38 13.09
N ASP A 266 -24.35 22.84 14.13
CA ASP A 266 -25.77 22.52 14.29
C ASP A 266 -26.59 23.71 13.79
N ILE A 267 -27.90 23.48 13.68
CA ILE A 267 -28.88 24.46 13.25
C ILE A 267 -29.88 24.68 14.39
N LEU A 268 -29.89 25.89 14.96
CA LEU A 268 -30.74 26.21 16.09
C LEU A 268 -32.19 25.98 15.70
N ASN A 269 -32.97 25.38 16.61
CA ASN A 269 -34.38 25.10 16.39
C ASN A 269 -35.22 26.14 17.13
N ARG A 270 -35.21 26.07 18.48
CA ARG A 270 -36.04 26.91 19.33
C ARG A 270 -35.23 27.42 20.53
N ILE A 271 -35.52 28.66 20.93
CA ILE A 271 -35.15 29.15 22.25
C ILE A 271 -36.41 29.10 23.11
N THR A 272 -36.25 28.75 24.39
CA THR A 272 -37.27 28.99 25.39
C THR A 272 -36.65 29.84 26.50
N ILE A 273 -37.16 31.07 26.69
CA ILE A 273 -36.56 32.05 27.58
C ILE A 273 -37.40 32.21 28.85
N TYR A 274 -36.77 31.97 30.01
CA TYR A 274 -37.45 32.10 31.29
C TYR A 274 -37.20 33.49 31.85
N THR A 275 -38.25 34.08 32.45
CA THR A 275 -38.15 35.40 33.08
C THR A 275 -37.86 35.20 34.57
N ASP A 276 -37.64 36.32 35.27
CA ASP A 276 -37.34 36.32 36.70
C ASP A 276 -37.64 37.73 37.21
N VAL A 277 -37.09 38.12 38.38
CA VAL A 277 -37.38 39.45 38.93
C VAL A 277 -36.30 39.92 39.92
N HIS A 278 -36.13 41.24 39.99
CA HIS A 278 -35.47 41.93 41.09
C HIS A 278 -36.02 43.35 41.19
N ARG A 279 -36.50 43.71 42.40
CA ARG A 279 -37.05 45.02 42.72
C ARG A 279 -37.87 45.56 41.56
N GLY A 280 -39.00 44.87 41.28
CA GLY A 280 -39.96 45.29 40.28
C GLY A 280 -39.58 44.84 38.88
N PHE A 281 -38.28 44.93 38.56
CA PHE A 281 -37.77 44.70 37.22
C PHE A 281 -37.63 43.21 36.97
N ASN A 282 -38.45 42.67 36.05
CA ASN A 282 -38.28 41.34 35.49
C ASN A 282 -37.12 41.35 34.50
N TYR A 283 -36.56 40.18 34.21
CA TYR A 283 -35.45 40.11 33.28
C TYR A 283 -35.26 38.70 32.72
N TRP A 284 -34.34 38.61 31.75
CA TRP A 284 -33.95 37.37 31.09
C TRP A 284 -32.88 36.67 31.92
N SER A 285 -33.30 35.62 32.62
CA SER A 285 -32.51 34.97 33.67
C SER A 285 -31.70 33.78 33.13
N GLY A 286 -32.32 33.05 32.19
CA GLY A 286 -31.76 31.80 31.70
C GLY A 286 -32.68 31.22 30.62
N HIS A 287 -32.18 30.25 29.86
CA HIS A 287 -32.90 29.83 28.67
C HIS A 287 -32.70 28.34 28.42
N GLN A 288 -33.45 27.82 27.44
CA GLN A 288 -33.53 26.39 27.16
C GLN A 288 -33.56 26.18 25.65
N ILE A 289 -32.40 25.81 25.08
CA ILE A 289 -32.18 25.81 23.64
C ILE A 289 -32.19 24.40 23.10
N THR A 290 -32.78 24.26 21.91
CA THR A 290 -32.80 23.02 21.16
C THR A 290 -32.27 23.32 19.76
N ALA A 291 -31.70 22.29 19.11
CA ALA A 291 -30.98 22.46 17.86
C ALA A 291 -31.05 21.17 17.05
N SER A 292 -31.14 21.29 15.73
CA SER A 292 -31.19 20.12 14.86
C SER A 292 -29.92 20.04 14.02
N PRO A 293 -29.28 18.85 13.92
CA PRO A 293 -28.15 18.61 13.01
C PRO A 293 -28.30 19.06 11.55
N VAL A 294 -27.18 19.07 10.81
CA VAL A 294 -27.13 19.64 9.47
C VAL A 294 -28.01 18.82 8.53
N GLY A 295 -28.93 19.53 7.86
CA GLY A 295 -29.85 18.91 6.92
C GLY A 295 -30.94 18.08 7.60
N PHE A 296 -31.12 18.30 8.92
CA PHE A 296 -32.16 17.66 9.71
C PHE A 296 -32.06 16.14 9.55
N SER A 297 -30.82 15.66 9.48
CA SER A 297 -30.49 14.30 9.08
C SER A 297 -30.26 13.42 10.30
N GLY A 298 -30.54 13.97 11.49
CA GLY A 298 -30.39 13.23 12.73
C GLY A 298 -31.18 13.88 13.85
N PRO A 299 -31.48 13.12 14.94
CA PRO A 299 -32.21 13.64 16.09
C PRO A 299 -31.72 15.00 16.56
N GLU A 300 -32.68 15.87 16.88
CA GLU A 300 -32.41 17.20 17.40
C GLU A 300 -31.53 17.11 18.64
N PHE A 301 -30.64 18.10 18.82
CA PHE A 301 -29.72 18.16 19.94
C PHE A 301 -30.39 18.78 21.16
N ALA A 302 -29.68 18.76 22.30
CA ALA A 302 -30.20 19.32 23.54
C ALA A 302 -29.08 19.58 24.54
N PHE A 303 -29.04 20.83 25.03
CA PHE A 303 -28.07 21.26 26.02
C PHE A 303 -28.79 21.39 27.36
N PRO A 304 -28.06 21.57 28.50
CA PRO A 304 -28.71 21.86 29.78
C PRO A 304 -29.34 23.25 29.81
N LEU A 305 -29.99 23.57 30.93
CA LEU A 305 -30.61 24.86 31.09
C LEU A 305 -29.51 25.90 31.33
N PHE A 306 -29.49 26.91 30.47
CA PHE A 306 -28.57 28.04 30.63
C PHE A 306 -29.13 29.01 31.67
N GLY A 307 -28.26 29.44 32.59
CA GLY A 307 -28.65 30.34 33.66
C GLY A 307 -29.53 29.64 34.69
N ASN A 308 -30.62 30.32 35.10
CA ASN A 308 -31.62 29.76 35.99
C ASN A 308 -33.01 30.08 35.42
N ALA A 309 -33.91 29.08 35.44
CA ALA A 309 -35.30 29.33 35.08
C ALA A 309 -35.92 30.22 36.16
N GLY A 310 -37.14 30.69 35.89
CA GLY A 310 -37.79 31.65 36.78
C GLY A 310 -39.31 31.50 36.75
N ASN A 311 -39.91 31.72 37.93
CA ASN A 311 -41.33 31.54 38.14
C ASN A 311 -42.02 32.90 38.22
N ALA A 312 -41.25 33.97 37.98
CA ALA A 312 -41.70 35.34 38.22
C ALA A 312 -42.80 35.71 37.23
N ALA A 313 -42.60 35.34 35.95
CA ALA A 313 -43.63 35.47 34.92
C ALA A 313 -43.54 34.28 33.97
N PRO A 314 -44.51 34.07 33.04
CA PRO A 314 -44.42 32.97 32.08
C PRO A 314 -43.15 32.95 31.20
N PRO A 315 -42.91 31.88 30.40
CA PRO A 315 -41.79 31.84 29.45
C PRO A 315 -42.07 32.64 28.17
N VAL A 316 -41.14 32.57 27.21
CA VAL A 316 -41.36 33.15 25.88
C VAL A 316 -40.74 32.22 24.83
N LEU A 317 -41.45 32.03 23.70
CA LEU A 317 -41.10 31.01 22.71
C LEU A 317 -40.57 31.66 21.43
N VAL A 318 -39.45 31.12 20.92
CA VAL A 318 -38.78 31.64 19.75
C VAL A 318 -38.45 30.47 18.81
N SER A 319 -39.08 30.43 17.63
CA SER A 319 -39.02 29.27 16.75
C SER A 319 -38.59 29.68 15.34
N LEU A 320 -37.71 28.86 14.73
CA LEU A 320 -37.16 29.11 13.40
C LEU A 320 -38.28 29.27 12.38
N THR A 321 -38.25 30.36 11.61
CA THR A 321 -39.32 30.64 10.66
C THR A 321 -38.78 30.62 9.24
N GLY A 322 -37.76 31.44 8.97
CA GLY A 322 -37.33 31.70 7.60
C GLY A 322 -35.95 31.13 7.31
N LEU A 323 -34.95 32.01 7.33
CA LEU A 323 -33.56 31.62 7.16
C LEU A 323 -32.82 31.78 8.49
N GLY A 324 -33.58 32.05 9.56
CA GLY A 324 -33.03 32.23 10.89
C GLY A 324 -33.10 33.68 11.36
N ILE A 325 -32.66 33.90 12.61
CA ILE A 325 -32.61 35.22 13.22
C ILE A 325 -31.36 35.94 12.70
N PHE A 326 -31.55 37.14 12.13
CA PHE A 326 -30.47 37.87 11.51
C PHE A 326 -30.14 39.16 12.27
N ARG A 327 -30.91 39.45 13.33
CA ARG A 327 -30.83 40.75 13.98
C ARG A 327 -31.50 40.71 15.35
N THR A 328 -30.70 41.03 16.40
CA THR A 328 -31.22 41.20 17.74
C THR A 328 -31.23 42.68 18.10
N LEU A 329 -32.43 43.16 18.48
CA LEU A 329 -32.60 44.48 19.07
C LEU A 329 -32.82 44.29 20.57
N SER A 330 -31.72 44.26 21.33
CA SER A 330 -31.79 43.97 22.75
C SER A 330 -31.70 45.25 23.57
N SER A 331 -32.18 45.16 24.83
CA SER A 331 -32.23 46.27 25.76
C SER A 331 -31.64 45.85 27.12
N PRO A 332 -30.38 46.22 27.42
CA PRO A 332 -29.77 45.96 28.72
C PRO A 332 -30.55 46.59 29.88
N LEU A 333 -30.09 46.33 31.10
CA LEU A 333 -30.60 47.00 32.28
C LEU A 333 -29.55 46.95 33.37
N TYR A 334 -29.12 48.13 33.86
CA TYR A 334 -28.09 48.23 34.88
C TYR A 334 -28.62 49.02 36.09
N ARG A 335 -28.80 48.32 37.22
CA ARG A 335 -29.16 48.97 38.46
C ARG A 335 -27.88 49.23 39.26
N ARG A 336 -27.28 50.42 39.08
CA ARG A 336 -26.12 50.80 39.88
C ARG A 336 -26.62 51.25 41.26
N GLN A 346 -26.39 45.36 46.17
CA GLN A 346 -26.69 44.25 45.23
C GLN A 346 -27.21 44.83 43.91
N GLU A 347 -26.26 45.22 43.05
CA GLU A 347 -26.52 45.80 41.74
C GLU A 347 -26.88 44.70 40.74
N LEU A 348 -27.46 45.11 39.60
CA LEU A 348 -28.00 44.19 38.60
C LEU A 348 -27.51 44.61 37.21
N PHE A 349 -27.18 43.61 36.38
CA PHE A 349 -26.72 43.85 35.02
C PHE A 349 -27.24 42.73 34.12
N VAL A 350 -28.45 42.92 33.57
CA VAL A 350 -29.13 41.88 32.81
C VAL A 350 -29.71 42.45 31.51
N LEU A 351 -29.90 41.57 30.52
CA LEU A 351 -30.89 41.80 29.48
C LEU A 351 -32.27 41.69 30.12
N ASP A 352 -33.23 42.46 29.60
CA ASP A 352 -34.60 42.42 30.10
C ASP A 352 -35.61 42.53 28.96
N GLY A 353 -35.13 42.45 27.71
CA GLY A 353 -35.96 42.62 26.52
C GLY A 353 -35.13 42.50 25.25
N THR A 354 -35.60 41.69 24.28
CA THR A 354 -34.81 41.40 23.09
C THR A 354 -35.69 40.93 21.94
N GLU A 355 -35.76 41.74 20.88
CA GLU A 355 -36.47 41.37 19.68
C GLU A 355 -35.57 40.50 18.80
N PHE A 356 -36.20 39.54 18.10
CA PHE A 356 -35.57 38.70 17.10
C PHE A 356 -36.31 38.87 15.78
N SER A 357 -35.59 38.80 14.65
CA SER A 357 -36.20 38.99 13.32
C SER A 357 -35.68 37.95 12.34
N PHE A 358 -36.59 37.37 11.52
CA PHE A 358 -36.30 36.19 10.70
C PHE A 358 -36.12 36.56 9.23
N ALA A 359 -35.04 36.05 8.63
CA ALA A 359 -34.58 36.51 7.32
C ALA A 359 -35.40 35.86 6.21
N SER A 360 -35.41 36.53 5.05
CA SER A 360 -36.10 36.04 3.87
C SER A 360 -35.77 36.93 2.68
N LEU A 361 -35.86 36.37 1.46
CA LEU A 361 -35.58 37.09 0.22
C LEU A 361 -36.87 37.35 -0.56
N THR A 362 -38.04 37.12 0.07
CA THR A 362 -39.31 37.17 -0.62
C THR A 362 -40.33 38.00 0.16
N THR A 363 -40.50 37.68 1.45
CA THR A 363 -41.56 38.26 2.28
C THR A 363 -40.99 38.76 3.60
N ASN A 364 -41.79 39.52 4.36
CA ASN A 364 -41.33 40.13 5.59
C ASN A 364 -42.07 39.49 6.77
N LEU A 365 -41.42 38.50 7.40
CA LEU A 365 -42.06 37.65 8.40
C LEU A 365 -42.19 38.41 9.71
N PRO A 366 -43.12 38.00 10.60
CA PRO A 366 -43.34 38.71 11.86
C PRO A 366 -42.22 38.42 12.86
N SER A 367 -41.67 39.49 13.43
CA SER A 367 -40.62 39.41 14.42
C SER A 367 -41.22 38.93 15.75
N THR A 368 -40.42 38.18 16.53
CA THR A 368 -40.79 37.83 17.89
C THR A 368 -40.00 38.73 18.85
N ILE A 369 -40.71 39.28 19.84
CA ILE A 369 -40.13 40.07 20.92
C ILE A 369 -40.16 39.22 22.19
N TYR A 370 -39.11 39.31 23.02
CA TYR A 370 -39.13 38.62 24.31
C TYR A 370 -40.00 39.42 25.28
N ARG A 371 -39.52 40.59 25.73
CA ARG A 371 -40.30 41.44 26.61
C ARG A 371 -40.56 42.79 25.95
N GLN A 372 -39.56 43.33 25.24
CA GLN A 372 -39.68 44.61 24.55
C GLN A 372 -38.59 44.74 23.48
N ARG A 373 -38.74 45.73 22.59
CA ARG A 373 -37.71 46.05 21.60
C ARG A 373 -36.69 46.97 22.25
N GLY A 374 -35.45 46.93 21.75
CA GLY A 374 -34.35 47.68 22.33
C GLY A 374 -33.65 48.56 21.31
N THR A 375 -32.42 48.95 21.65
CA THR A 375 -31.62 49.85 20.83
C THR A 375 -30.17 49.41 20.77
N VAL A 376 -29.94 48.09 20.97
CA VAL A 376 -28.62 47.50 20.76
C VAL A 376 -28.69 46.64 19.50
N ASP A 377 -28.43 47.27 18.35
CA ASP A 377 -28.61 46.61 17.07
C ASP A 377 -27.38 45.74 16.83
N SER A 378 -27.59 44.51 16.39
CA SER A 378 -26.48 43.63 16.07
C SER A 378 -26.08 43.81 14.61
N LEU A 379 -26.48 44.93 13.99
CA LEU A 379 -26.08 45.26 12.63
C LEU A 379 -24.97 46.31 12.63
N ASP A 380 -24.52 46.73 13.83
CA ASP A 380 -23.36 47.58 13.93
C ASP A 380 -22.28 46.85 14.72
N VAL A 381 -22.48 45.56 14.89
CA VAL A 381 -21.43 44.66 15.33
C VAL A 381 -21.24 43.59 14.27
N ILE A 382 -22.37 43.05 13.78
CA ILE A 382 -22.38 42.13 12.66
C ILE A 382 -23.18 42.78 11.52
N PRO A 383 -22.55 43.63 10.67
CA PRO A 383 -23.27 44.26 9.55
C PRO A 383 -23.53 43.32 8.37
N PRO A 384 -24.51 43.65 7.48
CA PRO A 384 -24.82 42.81 6.31
C PRO A 384 -23.86 42.87 5.13
N GLN A 385 -24.01 41.92 4.19
CA GLN A 385 -23.23 41.87 2.96
C GLN A 385 -23.71 42.93 1.97
N ASP A 386 -25.03 42.95 1.75
CA ASP A 386 -25.65 43.60 0.62
C ASP A 386 -26.56 44.72 1.14
N ASN A 387 -26.42 45.91 0.54
CA ASN A 387 -27.23 47.08 0.88
C ASN A 387 -27.98 47.57 -0.36
N SER A 388 -28.13 46.69 -1.36
CA SER A 388 -29.07 46.89 -2.44
C SER A 388 -30.47 46.48 -1.99
N VAL A 389 -30.53 45.69 -0.91
CA VAL A 389 -31.77 45.10 -0.42
C VAL A 389 -31.96 45.52 1.03
N PRO A 390 -33.22 45.50 1.55
CA PRO A 390 -33.44 45.68 2.98
C PRO A 390 -32.90 44.48 3.74
N PRO A 391 -32.64 44.61 5.06
CA PRO A 391 -31.81 43.64 5.80
C PRO A 391 -32.40 42.24 6.04
N ARG A 392 -33.65 42.02 5.64
CA ARG A 392 -34.26 40.69 5.69
C ARG A 392 -33.43 39.75 4.81
N ALA A 393 -32.75 40.31 3.80
CA ALA A 393 -31.77 39.62 2.99
C ALA A 393 -30.41 40.34 3.11
N GLY A 394 -29.38 39.76 2.49
CA GLY A 394 -28.04 40.31 2.53
C GLY A 394 -27.40 40.20 3.92
N PHE A 395 -28.07 39.47 4.82
CA PHE A 395 -27.85 39.57 6.25
C PHE A 395 -26.42 39.20 6.65
N SER A 396 -25.77 38.34 5.86
CA SER A 396 -24.43 37.84 6.15
C SER A 396 -24.48 36.73 7.20
N HIS A 397 -24.93 37.05 8.43
CA HIS A 397 -24.92 36.09 9.53
C HIS A 397 -26.32 35.88 10.09
N ARG A 398 -26.52 34.72 10.75
CA ARG A 398 -27.74 34.37 11.46
C ARG A 398 -27.38 33.72 12.79
N LEU A 399 -28.25 33.88 13.80
CA LEU A 399 -27.94 33.46 15.16
C LEU A 399 -27.68 31.96 15.22
N SER A 400 -26.54 31.59 15.83
CA SER A 400 -26.04 30.23 15.82
C SER A 400 -26.53 29.45 17.05
N HIS A 401 -26.26 30.01 18.23
CA HIS A 401 -26.51 29.38 19.51
C HIS A 401 -26.10 30.37 20.60
N VAL A 402 -26.99 30.66 21.55
CA VAL A 402 -26.73 31.67 22.56
C VAL A 402 -26.54 30.99 23.92
N THR A 403 -25.60 31.54 24.70
CA THR A 403 -25.26 31.06 26.03
C THR A 403 -25.60 32.15 27.04
N MET A 404 -25.19 31.94 28.30
CA MET A 404 -25.61 32.77 29.42
C MET A 404 -24.47 32.87 30.43
N LEU A 405 -24.09 34.12 30.74
CA LEU A 405 -23.00 34.41 31.67
C LEU A 405 -23.56 34.86 33.02
N SER A 406 -23.17 34.13 34.08
CA SER A 406 -23.63 34.37 35.44
C SER A 406 -22.45 34.72 36.33
N GLN A 407 -22.72 35.45 37.42
CA GLN A 407 -21.70 35.84 38.39
C GLN A 407 -21.38 34.68 39.33
N ALA A 408 -20.34 34.86 40.14
CA ALA A 408 -19.88 33.85 41.09
C ALA A 408 -20.90 33.65 42.21
N ALA A 409 -20.69 32.60 43.01
CA ALA A 409 -21.57 32.30 44.13
C ALA A 409 -21.32 33.31 45.26
N TYR A 413 -23.77 41.10 43.68
CA TYR A 413 -24.51 41.61 42.49
C TYR A 413 -25.04 40.44 41.65
N THR A 414 -25.86 40.76 40.64
CA THR A 414 -26.45 39.76 39.75
C THR A 414 -26.14 40.13 38.30
N LEU A 415 -25.62 39.14 37.56
CA LEU A 415 -25.19 39.30 36.17
C LEU A 415 -25.78 38.16 35.36
N ARG A 416 -26.43 38.51 34.24
CA ARG A 416 -27.01 37.55 33.32
C ARG A 416 -26.87 38.11 31.90
N ALA A 417 -25.66 37.99 31.35
CA ALA A 417 -25.30 38.61 30.07
C ALA A 417 -25.17 37.54 28.99
N PRO A 418 -26.24 37.21 28.24
CA PRO A 418 -26.16 36.20 27.19
C PRO A 418 -25.15 36.53 26.10
N THR A 419 -24.38 35.50 25.70
CA THR A 419 -23.35 35.61 24.70
C THR A 419 -23.84 34.90 23.43
N PHE A 420 -24.08 35.67 22.36
CA PHE A 420 -24.72 35.17 21.15
C PHE A 420 -23.68 34.74 20.13
N SER A 421 -23.83 33.52 19.59
CA SER A 421 -23.01 33.03 18.49
C SER A 421 -23.63 33.41 17.16
N TRP A 422 -22.81 33.84 16.20
CA TRP A 422 -23.28 34.16 14.86
C TRP A 422 -22.47 33.34 13.85
N GLN A 423 -23.16 32.71 12.90
CA GLN A 423 -22.54 31.87 11.90
C GLN A 423 -22.83 32.43 10.51
N HIS A 424 -21.91 32.21 9.56
CA HIS A 424 -21.98 32.85 8.25
C HIS A 424 -22.98 32.11 7.36
N ARG A 425 -23.58 32.83 6.40
CA ARG A 425 -24.65 32.29 5.58
C ARG A 425 -24.08 31.64 4.32
N SER A 426 -22.74 31.54 4.25
CA SER A 426 -22.11 30.68 3.26
C SER A 426 -22.24 29.23 3.70
N ALA A 427 -22.19 29.04 5.02
CA ALA A 427 -22.48 27.75 5.64
C ALA A 427 -24.00 27.54 5.60
N GLU A 428 -24.46 26.85 4.55
CA GLU A 428 -25.89 26.73 4.29
C GLU A 428 -26.49 25.61 5.14
N PHE A 429 -27.83 25.63 5.21
CA PHE A 429 -28.59 24.69 6.00
C PHE A 429 -28.34 23.29 5.48
N ASN A 430 -28.60 23.09 4.18
CA ASN A 430 -28.45 21.80 3.55
C ASN A 430 -27.11 21.76 2.82
N ASN A 431 -26.57 20.54 2.66
CA ASN A 431 -25.54 20.28 1.68
C ASN A 431 -26.19 20.27 0.29
N ILE A 432 -25.37 20.43 -0.76
CA ILE A 432 -25.89 20.66 -2.09
C ILE A 432 -24.85 20.19 -3.10
N ILE A 433 -25.31 19.71 -4.27
CA ILE A 433 -24.41 19.32 -5.35
C ILE A 433 -24.99 19.77 -6.69
N PRO A 434 -24.66 20.99 -7.18
CA PRO A 434 -24.93 21.40 -8.55
C PRO A 434 -23.81 20.98 -9.51
N SER A 435 -23.97 21.30 -10.80
CA SER A 435 -23.23 20.62 -11.87
C SER A 435 -22.32 21.58 -12.65
N SER A 436 -22.56 22.89 -12.59
CA SER A 436 -21.72 23.81 -13.33
C SER A 436 -20.78 24.54 -12.36
N GLN A 437 -20.41 23.83 -11.28
CA GLN A 437 -19.53 24.36 -10.24
C GLN A 437 -18.76 23.20 -9.60
N ILE A 438 -17.87 23.54 -8.64
CA ILE A 438 -17.18 22.58 -7.78
C ILE A 438 -17.56 22.88 -6.33
N THR A 439 -18.32 21.96 -5.70
CA THR A 439 -18.89 22.23 -4.39
C THR A 439 -18.01 21.67 -3.28
N GLN A 440 -17.61 22.54 -2.34
CA GLN A 440 -16.72 22.17 -1.25
C GLN A 440 -17.52 21.97 0.04
N ILE A 441 -17.46 20.76 0.60
CA ILE A 441 -18.10 20.45 1.87
C ILE A 441 -17.03 20.37 2.95
N PRO A 442 -16.89 21.41 3.82
CA PRO A 442 -16.07 21.28 5.03
C PRO A 442 -16.71 20.31 6.02
N LEU A 443 -15.91 19.40 6.58
CA LEU A 443 -16.44 18.22 7.24
C LEU A 443 -17.11 18.56 8.57
N THR A 444 -17.28 19.86 8.87
CA THR A 444 -18.04 20.26 10.04
C THR A 444 -19.55 20.26 9.72
N LYS A 445 -19.90 19.99 8.46
CA LYS A 445 -21.29 19.97 8.04
C LYS A 445 -21.82 18.53 8.04
N SER A 446 -21.32 17.75 9.01
CA SER A 446 -21.68 16.34 9.16
C SER A 446 -22.92 16.22 10.02
N THR A 447 -23.44 15.00 10.09
CA THR A 447 -24.68 14.75 10.81
C THR A 447 -24.46 13.69 11.88
N ASN A 448 -23.23 13.17 11.98
CA ASN A 448 -22.96 11.96 12.74
C ASN A 448 -21.46 11.69 12.73
N LEU A 449 -20.80 11.92 13.86
CA LEU A 449 -19.34 11.76 13.95
C LEU A 449 -19.01 10.30 14.20
N GLY A 450 -18.20 9.66 13.34
CA GLY A 450 -17.78 8.29 13.54
C GLY A 450 -17.02 8.12 14.86
N SER A 451 -17.18 6.95 15.52
CA SER A 451 -16.62 6.76 16.85
C SER A 451 -15.10 6.83 16.79
N GLY A 452 -14.52 7.63 17.70
CA GLY A 452 -13.07 7.82 17.75
C GLY A 452 -12.58 8.98 16.86
N THR A 453 -13.47 9.90 16.50
CA THR A 453 -13.10 11.11 15.82
C THR A 453 -13.43 12.30 16.71
N SER A 454 -12.52 13.28 16.79
CA SER A 454 -12.81 14.53 17.50
C SER A 454 -12.83 15.67 16.49
N VAL A 455 -13.37 16.81 16.92
CA VAL A 455 -13.37 18.01 16.10
C VAL A 455 -12.40 19.00 16.72
N VAL A 456 -11.15 18.97 16.26
CA VAL A 456 -10.13 19.86 16.80
C VAL A 456 -10.39 21.26 16.26
N LYS A 457 -9.80 22.26 16.93
CA LYS A 457 -9.95 23.66 16.60
C LYS A 457 -9.29 23.95 15.25
N GLY A 458 -9.69 25.06 14.64
CA GLY A 458 -9.24 25.40 13.30
C GLY A 458 -7.79 25.87 13.28
N PRO A 459 -7.07 25.69 12.15
CA PRO A 459 -5.70 26.20 12.00
C PRO A 459 -5.66 27.72 11.86
N GLY A 460 -6.75 28.29 11.30
CA GLY A 460 -6.91 29.73 11.12
C GLY A 460 -6.86 30.16 9.66
N PHE A 461 -7.06 29.23 8.71
CA PHE A 461 -7.07 29.57 7.31
C PHE A 461 -8.08 28.74 6.51
N THR A 462 -9.10 28.18 7.18
CA THR A 462 -10.08 27.35 6.50
C THR A 462 -11.48 27.69 7.01
N GLY A 463 -11.71 28.98 7.30
CA GLY A 463 -12.97 29.45 7.84
C GLY A 463 -13.74 28.36 8.59
N GLY A 464 -13.11 27.82 9.66
CA GLY A 464 -13.78 26.86 10.53
C GLY A 464 -12.84 25.81 11.12
N ASP A 465 -13.38 25.02 12.06
CA ASP A 465 -12.66 23.99 12.77
C ASP A 465 -12.60 22.73 11.92
N ILE A 466 -11.70 21.79 12.26
CA ILE A 466 -11.42 20.63 11.42
C ILE A 466 -11.51 19.34 12.22
N LEU A 467 -11.46 18.22 11.48
CA LEU A 467 -11.60 16.89 12.06
C LEU A 467 -10.24 16.32 12.40
N ARG A 468 -10.21 15.39 13.37
CA ARG A 468 -9.00 14.64 13.68
C ARG A 468 -9.33 13.17 13.95
N ARG A 469 -8.64 12.32 13.19
CA ARG A 469 -8.50 10.90 13.47
C ARG A 469 -7.03 10.67 13.85
N THR A 470 -6.80 9.94 14.96
CA THR A 470 -5.46 9.61 15.40
C THR A 470 -5.28 8.09 15.45
N SER A 471 -6.22 7.37 14.83
CA SER A 471 -6.19 5.93 14.69
C SER A 471 -7.25 5.53 13.65
N PRO A 472 -7.14 4.36 12.97
CA PRO A 472 -7.99 4.03 11.83
C PRO A 472 -9.50 4.00 12.07
N GLY A 473 -10.29 4.13 10.99
CA GLY A 473 -11.74 3.90 11.04
C GLY A 473 -12.57 4.92 10.24
N GLN A 474 -13.69 5.35 10.85
CA GLN A 474 -14.70 6.18 10.22
C GLN A 474 -14.55 7.63 10.68
N ILE A 475 -14.32 8.53 9.71
CA ILE A 475 -14.21 9.95 10.00
C ILE A 475 -15.58 10.44 10.47
N SER A 476 -16.44 10.79 9.51
CA SER A 476 -17.75 11.37 9.77
C SER A 476 -18.70 10.95 8.65
N THR A 477 -19.92 11.48 8.68
CA THR A 477 -20.89 11.22 7.63
C THR A 477 -21.69 12.49 7.36
N LEU A 478 -22.00 12.72 6.08
CA LEU A 478 -22.71 13.91 5.64
C LEU A 478 -23.94 13.46 4.86
N ARG A 479 -25.06 14.18 5.05
CA ARG A 479 -26.18 13.97 4.17
C ARG A 479 -25.97 14.85 2.94
N VAL A 480 -26.27 14.27 1.79
CA VAL A 480 -25.97 14.88 0.51
C VAL A 480 -27.30 15.10 -0.21
N ASN A 481 -27.43 16.30 -0.81
CA ASN A 481 -28.55 16.60 -1.68
C ASN A 481 -27.99 17.01 -3.05
N ILE A 482 -28.38 16.27 -4.09
CA ILE A 482 -27.83 16.41 -5.43
C ILE A 482 -28.86 17.13 -6.31
N THR A 483 -28.51 18.31 -6.82
CA THR A 483 -29.50 19.20 -7.42
C THR A 483 -29.58 18.98 -8.93
N ALA A 484 -29.21 20.00 -9.71
CA ALA A 484 -29.59 20.12 -11.11
C ALA A 484 -29.35 18.83 -11.89
N PRO A 485 -28.19 18.15 -11.69
CA PRO A 485 -27.82 17.01 -12.53
C PRO A 485 -28.38 15.67 -12.07
N LEU A 486 -28.81 14.86 -13.04
CA LEU A 486 -29.54 13.64 -12.73
C LEU A 486 -28.56 12.48 -12.73
N SER A 487 -27.86 12.31 -13.86
CA SER A 487 -26.95 11.20 -14.09
C SER A 487 -25.52 11.69 -14.28
N GLN A 488 -25.23 12.90 -13.80
CA GLN A 488 -23.89 13.46 -13.86
C GLN A 488 -22.96 12.60 -13.00
N ARG A 489 -21.69 12.55 -13.43
CA ARG A 489 -20.67 11.75 -12.77
C ARG A 489 -19.69 12.70 -12.09
N TYR A 490 -19.19 12.35 -10.89
CA TYR A 490 -18.24 13.19 -10.16
C TYR A 490 -17.05 12.38 -9.63
N ARG A 491 -15.88 13.04 -9.61
CA ARG A 491 -14.72 12.62 -8.83
C ARG A 491 -14.81 13.29 -7.46
N VAL A 492 -14.09 12.74 -6.46
CA VAL A 492 -14.09 13.29 -5.12
C VAL A 492 -12.66 13.59 -4.67
N ARG A 493 -12.48 14.71 -3.96
CA ARG A 493 -11.20 15.10 -3.41
C ARG A 493 -11.31 15.31 -1.90
N ILE A 494 -10.20 15.02 -1.20
CA ILE A 494 -10.15 15.00 0.26
C ILE A 494 -8.94 15.84 0.68
N ARG A 495 -9.21 16.95 1.39
CA ARG A 495 -8.17 17.84 1.89
C ARG A 495 -7.75 17.36 3.28
N TYR A 496 -6.56 16.79 3.38
CA TYR A 496 -6.12 16.14 4.60
C TYR A 496 -4.67 16.49 4.88
N ALA A 497 -4.26 16.39 6.15
CA ALA A 497 -2.87 16.56 6.60
C ALA A 497 -2.49 15.42 7.55
N SER A 498 -1.59 14.54 7.09
CA SER A 498 -1.26 13.31 7.80
C SER A 498 0.26 13.10 7.89
N THR A 499 0.72 12.63 9.05
CA THR A 499 2.11 12.27 9.26
C THR A 499 2.39 10.84 8.76
N THR A 500 1.32 10.10 8.41
CA THR A 500 1.41 8.68 8.09
C THR A 500 0.82 8.41 6.71
N ASN A 501 1.24 7.30 6.08
CA ASN A 501 0.62 6.80 4.87
C ASN A 501 -0.82 6.37 5.18
N LEU A 502 -1.70 6.45 4.17
CA LEU A 502 -3.13 6.35 4.37
C LEU A 502 -3.80 5.56 3.26
N GLN A 503 -5.04 5.14 3.52
CA GLN A 503 -6.05 4.96 2.48
C GLN A 503 -7.31 5.69 2.89
N PHE A 504 -8.16 6.00 1.90
CA PHE A 504 -9.34 6.82 2.10
C PHE A 504 -10.54 6.19 1.38
N HIS A 505 -11.13 5.18 2.02
CA HIS A 505 -12.38 4.60 1.54
C HIS A 505 -13.51 5.59 1.78
N THR A 506 -14.50 5.55 0.89
CA THR A 506 -15.78 6.21 1.11
C THR A 506 -16.90 5.21 0.81
N SER A 507 -18.10 5.49 1.33
CA SER A 507 -19.30 4.76 0.95
C SER A 507 -20.34 5.74 0.44
N ILE A 508 -21.50 5.22 0.06
CA ILE A 508 -22.61 6.03 -0.39
C ILE A 508 -23.86 5.17 -0.27
N ASP A 509 -24.57 5.33 0.85
CA ASP A 509 -25.87 4.72 1.10
C ASP A 509 -25.74 3.22 1.37
N GLY A 510 -24.54 2.65 1.23
CA GLY A 510 -24.37 1.23 1.41
C GLY A 510 -23.04 0.74 0.88
N ARG A 511 -22.80 0.94 -0.42
CA ARG A 511 -21.68 0.33 -1.12
C ARG A 511 -20.47 1.25 -1.11
N PRO A 512 -19.23 0.73 -0.94
CA PRO A 512 -18.03 1.55 -1.13
C PRO A 512 -18.02 2.05 -2.57
N ILE A 513 -17.36 3.18 -2.81
CA ILE A 513 -17.18 3.71 -4.14
C ILE A 513 -15.78 4.28 -4.32
N ASN A 514 -14.88 3.98 -3.38
CA ASN A 514 -13.49 4.42 -3.51
C ASN A 514 -12.60 3.68 -2.52
N GLN A 515 -11.40 3.36 -2.99
CA GLN A 515 -10.24 3.19 -2.15
C GLN A 515 -9.07 3.87 -2.84
N GLY A 516 -8.30 4.67 -2.09
CA GLY A 516 -7.13 5.33 -2.64
C GLY A 516 -5.96 5.30 -1.65
N ASN A 517 -4.75 5.10 -2.19
CA ASN A 517 -3.51 5.24 -1.44
C ASN A 517 -3.12 6.72 -1.42
N PHE A 518 -3.30 7.36 -0.25
CA PHE A 518 -2.96 8.76 -0.08
C PHE A 518 -1.67 8.89 0.72
N SER A 519 -0.78 9.78 0.24
CA SER A 519 0.56 9.93 0.77
C SER A 519 0.54 10.77 2.04
N ALA A 520 1.67 10.75 2.76
CA ALA A 520 1.85 11.54 3.98
C ALA A 520 2.35 12.94 3.61
N THR A 521 2.33 13.87 4.57
CA THR A 521 2.51 15.29 4.27
C THR A 521 3.05 16.14 5.42
N MET A 522 3.58 15.56 6.51
CA MET A 522 3.81 16.35 7.72
C MET A 522 4.95 15.80 8.59
N SER A 523 5.07 16.38 9.80
CA SER A 523 5.88 15.83 10.88
C SER A 523 5.24 16.17 12.23
N LEU A 528 -0.91 22.70 11.41
CA LEU A 528 0.50 22.99 11.79
C LEU A 528 1.08 24.07 10.87
N GLN A 529 0.74 24.03 9.58
CA GLN A 529 1.13 25.04 8.59
C GLN A 529 0.34 24.86 7.28
N SER A 530 0.32 25.93 6.48
CA SER A 530 -0.42 25.98 5.22
C SER A 530 0.28 25.15 4.15
N GLY A 531 1.45 24.58 4.50
CA GLY A 531 2.07 23.54 3.70
C GLY A 531 1.84 22.15 4.29
N SER A 532 0.64 21.92 4.86
CA SER A 532 0.30 20.65 5.48
C SER A 532 -0.73 19.91 4.64
N PHE A 533 -1.85 20.58 4.33
CA PHE A 533 -3.06 19.91 3.85
C PHE A 533 -2.98 19.69 2.33
N ARG A 534 -2.64 18.46 1.93
CA ARG A 534 -2.67 18.07 0.53
C ARG A 534 -4.08 17.59 0.17
N THR A 535 -4.42 17.63 -1.13
CA THR A 535 -5.76 17.31 -1.60
C THR A 535 -5.68 16.56 -2.94
N VAL A 536 -5.67 15.23 -2.89
CA VAL A 536 -5.61 14.37 -4.06
C VAL A 536 -7.02 13.85 -4.34
N GLY A 537 -7.24 13.25 -5.52
CA GLY A 537 -8.57 12.81 -5.94
C GLY A 537 -8.61 11.34 -6.38
N PHE A 538 -9.83 10.89 -6.72
CA PHE A 538 -10.11 9.56 -7.23
C PHE A 538 -9.49 9.36 -8.60
N THR A 539 -9.15 8.10 -8.92
CA THR A 539 -8.66 7.75 -10.25
C THR A 539 -9.79 7.12 -11.08
N THR A 540 -11.04 7.18 -10.57
CA THR A 540 -12.24 6.89 -11.34
C THR A 540 -13.45 7.60 -10.74
N PRO A 541 -14.33 8.23 -11.56
CA PRO A 541 -15.53 8.90 -11.05
C PRO A 541 -16.61 7.94 -10.55
N PHE A 542 -17.71 8.54 -10.08
CA PHE A 542 -18.94 7.85 -9.77
C PHE A 542 -20.11 8.81 -10.00
N ASN A 543 -21.34 8.28 -9.90
CA ASN A 543 -22.55 9.09 -9.99
C ASN A 543 -23.47 8.71 -8.83
N PHE A 544 -24.10 9.73 -8.24
CA PHE A 544 -25.13 9.51 -7.23
C PHE A 544 -26.35 8.88 -7.90
N SER A 545 -27.04 8.03 -7.15
CA SER A 545 -28.13 7.24 -7.70
C SER A 545 -29.43 7.55 -6.97
N ASN A 546 -29.49 8.73 -6.32
CA ASN A 546 -30.70 9.19 -5.65
C ASN A 546 -30.59 10.65 -5.26
N GLY A 547 -31.75 11.28 -5.03
CA GLY A 547 -31.83 12.69 -4.70
C GLY A 547 -31.14 13.01 -3.38
N SER A 548 -31.48 12.24 -2.33
CA SER A 548 -30.92 12.41 -1.00
C SER A 548 -30.12 11.17 -0.61
N SER A 549 -28.79 11.31 -0.51
CA SER A 549 -27.89 10.19 -0.23
C SER A 549 -27.18 10.43 1.09
N VAL A 550 -26.26 9.52 1.43
CA VAL A 550 -25.42 9.62 2.62
C VAL A 550 -23.99 9.23 2.26
N PHE A 551 -23.04 10.12 2.57
CA PHE A 551 -21.64 9.92 2.25
C PHE A 551 -20.88 9.68 3.54
N THR A 552 -19.91 8.77 3.55
CA THR A 552 -19.19 8.44 4.78
C THR A 552 -17.72 8.14 4.49
N LEU A 553 -16.84 8.99 5.03
CA LEU A 553 -15.40 8.90 4.83
C LEU A 553 -14.78 7.95 5.86
N SER A 554 -13.62 7.35 5.54
CA SER A 554 -12.95 6.41 6.42
C SER A 554 -11.46 6.30 6.12
N ALA A 555 -10.63 6.51 7.16
CA ALA A 555 -9.17 6.37 7.08
C ALA A 555 -8.76 5.05 7.70
N HIS A 556 -8.17 4.16 6.89
CA HIS A 556 -8.11 2.74 7.21
C HIS A 556 -6.69 2.19 7.39
N VAL A 557 -5.72 2.59 6.53
CA VAL A 557 -4.38 2.04 6.65
C VAL A 557 -3.82 2.36 8.04
N PHE A 558 -3.31 1.32 8.70
CA PHE A 558 -3.03 1.36 10.12
C PHE A 558 -1.74 2.17 10.36
N ASN A 559 -1.39 2.36 11.64
CA ASN A 559 -0.18 3.04 12.06
C ASN A 559 -0.26 3.33 13.56
N SER A 560 -0.86 4.47 13.94
CA SER A 560 -1.11 4.77 15.34
C SER A 560 -2.20 3.83 15.87
N ASN A 562 0.58 8.99 13.03
CA ASN A 562 -0.38 8.72 14.13
C ASN A 562 -1.22 9.96 14.40
N GLU A 563 -1.62 10.67 13.34
CA GLU A 563 -2.28 11.97 13.46
C GLU A 563 -2.78 12.43 12.09
N VAL A 564 -4.11 12.54 11.93
CA VAL A 564 -4.70 12.80 10.63
C VAL A 564 -5.74 13.91 10.76
N TYR A 565 -5.55 14.98 9.99
CA TYR A 565 -6.51 16.07 9.94
C TYR A 565 -7.23 16.00 8.59
N ILE A 566 -8.50 16.42 8.57
CA ILE A 566 -9.32 16.45 7.37
C ILE A 566 -10.09 17.78 7.35
N ASP A 567 -9.91 18.56 6.28
CA ASP A 567 -10.52 19.88 6.17
C ASP A 567 -11.87 19.76 5.46
N ARG A 568 -11.88 19.24 4.23
CA ARG A 568 -13.12 19.23 3.47
C ARG A 568 -13.12 18.14 2.39
N ILE A 569 -14.34 17.63 2.15
CA ILE A 569 -14.64 16.75 1.04
C ILE A 569 -15.04 17.63 -0.14
N GLU A 570 -14.39 17.41 -1.29
CA GLU A 570 -14.68 18.18 -2.49
C GLU A 570 -15.33 17.26 -3.52
N PHE A 571 -16.46 17.71 -4.07
CA PHE A 571 -17.18 17.01 -5.11
C PHE A 571 -16.97 17.73 -6.45
N VAL A 572 -16.00 17.24 -7.23
CA VAL A 572 -15.69 17.81 -8.55
C VAL A 572 -16.22 16.88 -9.64
N PRO A 573 -16.88 17.39 -10.70
CA PRO A 573 -17.46 16.54 -11.76
C PRO A 573 -16.47 16.16 -12.86
N ALA A 574 -16.87 15.18 -13.69
CA ALA A 574 -15.99 14.66 -14.74
C ALA A 574 -16.80 14.05 -15.89
N GLU A 575 -16.34 14.29 -17.13
CA GLU A 575 -16.86 13.64 -18.33
C GLU A 575 -16.11 12.33 -18.54
N VAL A 576 -16.61 11.49 -19.45
CA VAL A 576 -15.99 10.19 -19.67
C VAL A 576 -14.91 10.33 -20.76
N GLU A 581 -10.08 8.32 -20.15
CA GLU A 581 -8.89 8.60 -21.00
C GLU A 581 -7.72 9.09 -20.15
N TYR A 582 -7.76 8.83 -18.83
CA TYR A 582 -6.74 9.29 -17.91
C TYR A 582 -5.80 8.14 -17.53
N ASP A 583 -6.35 6.93 -17.50
CA ASP A 583 -5.57 5.72 -17.29
C ASP A 583 -5.00 5.25 -18.63
N LEU A 584 -5.09 6.14 -19.64
CA LEU A 584 -4.42 5.97 -20.93
C LEU A 584 -3.02 6.57 -20.88
N GLU A 585 -2.84 7.67 -20.13
CA GLU A 585 -1.52 8.29 -19.99
C GLU A 585 -0.63 7.37 -19.15
N ARG A 586 -1.25 6.55 -18.29
CA ARG A 586 -0.51 5.58 -17.49
C ARG A 586 -0.06 4.43 -18.38
N ALA A 587 -0.99 3.90 -19.18
CA ALA A 587 -0.70 2.79 -20.09
C ALA A 587 0.27 3.23 -21.17
N GLN A 588 0.50 4.54 -21.32
CA GLN A 588 1.51 5.05 -22.24
C GLN A 588 2.89 4.90 -21.60
N LYS A 589 3.11 5.54 -20.44
CA LYS A 589 4.43 5.59 -19.83
C LYS A 589 4.85 4.19 -19.34
N ALA A 590 3.86 3.35 -19.04
CA ALA A 590 4.07 1.97 -18.61
C ALA A 590 4.88 1.21 -19.66
N VAL A 591 4.44 1.32 -20.91
CA VAL A 591 5.02 0.58 -22.01
C VAL A 591 6.40 1.14 -22.33
N ASN A 592 6.62 2.44 -22.11
CA ASN A 592 7.85 3.10 -22.52
C ASN A 592 9.03 2.71 -21.62
N GLU A 593 8.79 2.52 -20.32
CA GLU A 593 9.85 2.16 -19.39
C GLU A 593 10.23 0.68 -19.54
N LEU A 594 9.63 -0.03 -20.50
CA LEU A 594 10.01 -1.40 -20.79
C LEU A 594 11.31 -1.43 -21.60
N PHE A 595 11.57 -0.35 -22.36
CA PHE A 595 12.69 -0.32 -23.29
C PHE A 595 13.87 0.41 -22.68
N THR A 596 14.99 0.44 -23.43
CA THR A 596 16.17 1.22 -23.07
C THR A 596 16.14 2.58 -23.75
N SER A 597 15.46 2.68 -24.90
CA SER A 597 15.48 3.91 -25.70
C SER A 597 14.37 3.90 -26.74
N SER A 598 14.14 5.07 -27.34
CA SER A 598 13.02 5.34 -28.22
C SER A 598 12.98 4.39 -29.42
N ASN A 599 14.15 3.87 -29.81
CA ASN A 599 14.25 2.94 -30.91
C ASN A 599 13.65 1.58 -30.56
N GLN A 600 13.61 1.28 -29.25
CA GLN A 600 12.89 0.12 -28.72
C GLN A 600 13.44 -1.18 -29.30
N ILE A 601 14.77 -1.19 -29.49
CA ILE A 601 15.50 -2.36 -29.94
C ILE A 601 15.61 -3.33 -28.77
N GLY A 602 15.87 -2.76 -27.58
CA GLY A 602 16.25 -3.55 -26.42
C GLY A 602 15.37 -3.26 -25.20
N LEU A 603 15.46 -4.16 -24.21
CA LEU A 603 14.81 -3.98 -22.93
C LEU A 603 15.85 -3.61 -21.90
N LYS A 604 15.40 -2.96 -20.82
CA LYS A 604 16.22 -2.79 -19.64
C LYS A 604 16.54 -4.18 -19.09
N THR A 605 17.76 -4.33 -18.58
CA THR A 605 18.22 -5.58 -18.01
C THR A 605 17.28 -6.03 -16.88
N ASP A 606 16.71 -5.06 -16.17
CA ASP A 606 15.95 -5.32 -14.95
C ASP A 606 14.45 -5.12 -15.18
N VAL A 607 14.02 -5.11 -16.45
CA VAL A 607 12.61 -5.34 -16.76
C VAL A 607 12.46 -6.83 -17.03
N THR A 608 11.35 -7.41 -16.52
CA THR A 608 11.26 -8.84 -16.26
C THR A 608 10.03 -9.43 -16.96
N ASP A 609 10.11 -10.74 -17.27
CA ASP A 609 9.09 -11.43 -18.06
C ASP A 609 7.73 -11.29 -17.38
N TYR A 610 7.71 -11.34 -16.03
CA TYR A 610 6.49 -11.10 -15.28
C TYR A 610 6.11 -9.63 -15.39
N HIS A 611 6.96 -8.74 -14.89
CA HIS A 611 6.70 -7.30 -14.86
C HIS A 611 6.10 -6.88 -16.19
N ILE A 612 6.64 -7.39 -17.31
CA ILE A 612 6.17 -7.02 -18.64
C ILE A 612 4.71 -7.43 -18.79
N ASP A 613 4.35 -8.66 -18.38
CA ASP A 613 2.98 -9.12 -18.50
C ASP A 613 2.04 -8.12 -17.86
N GLN A 614 2.37 -7.70 -16.63
CA GLN A 614 1.50 -6.87 -15.82
C GLN A 614 1.21 -5.56 -16.56
N VAL A 615 2.25 -5.01 -17.19
CA VAL A 615 2.10 -3.84 -18.04
C VAL A 615 1.13 -4.17 -19.16
N SER A 616 1.25 -5.37 -19.73
CA SER A 616 0.41 -5.77 -20.85
C SER A 616 -1.06 -5.91 -20.44
N ASN A 617 -1.32 -6.19 -19.15
CA ASN A 617 -2.68 -6.26 -18.63
C ASN A 617 -3.30 -4.86 -18.60
N LEU A 618 -2.46 -3.82 -18.35
CA LEU A 618 -2.91 -2.44 -18.29
C LEU A 618 -3.39 -1.95 -19.65
N VAL A 619 -2.98 -2.65 -20.72
CA VAL A 619 -3.20 -2.19 -22.08
C VAL A 619 -4.58 -2.63 -22.58
N GLU A 620 -4.98 -3.88 -22.27
CA GLU A 620 -6.20 -4.45 -22.83
C GLU A 620 -7.40 -4.07 -21.97
N CYS A 621 -7.18 -3.79 -20.68
CA CYS A 621 -8.24 -3.37 -19.78
C CYS A 621 -8.62 -1.90 -20.02
N LEU A 622 -8.21 -1.29 -21.16
CA LEU A 622 -8.38 0.15 -21.40
C LEU A 622 -9.78 0.48 -21.93
N SER A 623 -9.88 0.88 -23.21
CA SER A 623 -11.17 1.18 -23.79
C SER A 623 -11.15 0.84 -25.28
N ASP A 624 -11.93 -0.18 -25.66
CA ASP A 624 -12.26 -0.42 -27.06
C ASP A 624 -12.99 0.81 -27.59
N GLU A 625 -13.94 1.31 -26.79
CA GLU A 625 -14.87 2.34 -27.20
C GLU A 625 -14.11 3.61 -27.60
N PHE A 626 -13.39 4.20 -26.63
CA PHE A 626 -12.79 5.52 -26.78
C PHE A 626 -11.46 5.42 -27.53
N CYS A 627 -10.39 5.10 -26.80
CA CYS A 627 -9.04 5.17 -27.32
C CYS A 627 -8.70 3.87 -28.07
N LEU A 628 -9.32 3.66 -29.24
CA LEU A 628 -9.14 2.39 -29.96
C LEU A 628 -7.77 2.36 -30.62
N ASP A 629 -7.36 3.48 -31.23
CA ASP A 629 -6.12 3.52 -32.00
C ASP A 629 -4.93 3.60 -31.06
N GLU A 630 -5.10 4.40 -29.99
CA GLU A 630 -4.08 4.61 -28.98
C GLU A 630 -3.87 3.33 -28.18
N LYS A 631 -4.88 2.46 -28.17
CA LYS A 631 -4.81 1.16 -27.54
C LYS A 631 -3.99 0.20 -28.42
N GLN A 632 -4.15 0.30 -29.74
CA GLN A 632 -3.53 -0.64 -30.67
C GLN A 632 -2.01 -0.53 -30.61
N GLU A 633 -1.48 0.68 -30.86
CA GLU A 633 -0.03 0.88 -30.85
C GLU A 633 0.53 0.49 -29.48
N LEU A 634 -0.13 0.91 -28.40
CA LEU A 634 0.34 0.65 -27.05
C LEU A 634 0.41 -0.85 -26.75
N SER A 635 -0.28 -1.68 -27.55
CA SER A 635 -0.22 -3.12 -27.38
C SER A 635 0.77 -3.77 -28.36
N GLU A 636 0.96 -3.19 -29.54
CA GLU A 636 1.85 -3.80 -30.51
C GLU A 636 3.30 -3.51 -30.11
N LYS A 637 3.49 -2.48 -29.25
CA LYS A 637 4.76 -2.26 -28.56
C LYS A 637 5.01 -3.38 -27.56
N VAL A 638 4.03 -3.59 -26.66
CA VAL A 638 4.20 -4.43 -25.48
C VAL A 638 4.26 -5.90 -25.92
N LYS A 639 3.50 -6.25 -26.94
CA LYS A 639 3.60 -7.57 -27.54
C LYS A 639 4.96 -7.70 -28.23
N HIS A 640 5.63 -6.57 -28.51
CA HIS A 640 6.99 -6.57 -29.03
C HIS A 640 8.01 -6.64 -27.89
N ALA A 641 7.83 -5.79 -26.86
CA ALA A 641 8.71 -5.82 -25.69
C ALA A 641 8.71 -7.22 -25.06
N LYS A 642 7.55 -7.88 -25.07
CA LYS A 642 7.41 -9.23 -24.54
C LYS A 642 8.15 -10.21 -25.45
N ARG A 643 8.21 -9.92 -26.75
CA ARG A 643 8.91 -10.78 -27.69
C ARG A 643 10.42 -10.70 -27.45
N LEU A 644 10.92 -9.59 -26.88
CA LEU A 644 12.35 -9.44 -26.64
C LEU A 644 12.78 -10.29 -25.45
N SER A 645 11.85 -10.56 -24.51
CA SER A 645 12.12 -11.32 -23.29
C SER A 645 11.89 -12.82 -23.51
N ASP A 646 11.63 -13.21 -24.75
CA ASP A 646 11.84 -14.57 -25.22
C ASP A 646 13.24 -14.68 -25.81
N GLU A 647 13.66 -13.64 -26.54
CA GLU A 647 14.87 -13.66 -27.34
C GLU A 647 16.11 -13.70 -26.44
N ARG A 648 16.09 -12.92 -25.34
CA ARG A 648 17.24 -12.83 -24.45
C ARG A 648 17.30 -14.03 -23.50
N ASN A 649 16.20 -14.79 -23.46
CA ASN A 649 15.97 -15.80 -22.42
C ASN A 649 16.65 -17.11 -22.80
N LEU A 650 17.67 -17.51 -22.02
CA LEU A 650 18.52 -18.65 -22.32
C LEU A 650 17.87 -19.96 -21.87
N LEU A 651 16.81 -19.90 -21.06
CA LEU A 651 16.04 -21.09 -20.72
C LEU A 651 15.46 -21.69 -22.00
N GLN A 652 15.76 -22.97 -22.26
CA GLN A 652 15.18 -23.67 -23.38
C GLN A 652 13.79 -24.13 -22.97
N ASP A 653 12.76 -23.71 -23.72
CA ASP A 653 11.35 -24.08 -23.53
C ASP A 653 10.81 -23.51 -22.22
N PRO A 654 10.78 -22.17 -22.04
CA PRO A 654 10.31 -21.57 -20.79
C PRO A 654 8.79 -21.50 -20.61
N ASN A 655 8.03 -22.15 -21.50
CA ASN A 655 6.58 -22.18 -21.39
C ASN A 655 6.12 -23.61 -21.13
N PHE A 656 7.07 -24.47 -20.74
CA PHE A 656 6.74 -25.78 -20.22
C PHE A 656 5.83 -26.51 -21.21
N ARG A 657 6.15 -26.36 -22.50
CA ARG A 657 5.31 -26.87 -23.56
C ARG A 657 5.88 -28.19 -24.10
N GLY A 658 7.08 -28.57 -23.65
CA GLY A 658 7.69 -29.83 -24.07
C GLY A 658 8.62 -30.39 -22.99
N ILE A 659 8.03 -31.13 -22.05
CA ILE A 659 8.78 -31.61 -20.88
C ILE A 659 9.07 -33.10 -21.07
N ASN A 660 10.34 -33.48 -20.93
CA ASN A 660 10.81 -34.86 -20.95
C ASN A 660 10.71 -35.45 -22.36
N ARG A 661 10.80 -34.59 -23.37
CA ARG A 661 10.70 -35.03 -24.76
C ARG A 661 12.08 -35.40 -25.28
N GLN A 662 13.06 -34.50 -25.06
CA GLN A 662 14.44 -34.72 -25.49
C GLN A 662 15.33 -34.93 -24.25
N LEU A 663 16.20 -35.95 -24.32
CA LEU A 663 17.07 -36.37 -23.22
C LEU A 663 18.33 -35.50 -23.14
N ASP A 664 18.62 -34.76 -24.22
CA ASP A 664 19.75 -33.86 -24.28
C ASP A 664 19.37 -32.49 -23.70
N ARG A 665 18.42 -31.84 -24.39
CA ARG A 665 18.14 -30.42 -24.24
C ARG A 665 16.76 -30.26 -23.58
N GLY A 666 16.56 -29.12 -22.92
CA GLY A 666 15.25 -28.71 -22.45
C GLY A 666 14.95 -29.24 -21.04
N TRP A 667 13.65 -29.22 -20.68
CA TRP A 667 13.20 -29.53 -19.33
C TRP A 667 13.20 -31.04 -19.08
N ARG A 668 13.43 -31.40 -17.82
CA ARG A 668 13.18 -32.74 -17.32
C ARG A 668 12.58 -32.64 -15.93
N GLY A 669 11.36 -33.13 -15.76
CA GLY A 669 10.66 -33.06 -14.48
C GLY A 669 10.15 -34.43 -14.04
N SER A 670 9.23 -34.43 -13.07
CA SER A 670 8.58 -35.64 -12.60
C SER A 670 7.11 -35.65 -13.02
N THR A 671 6.53 -36.85 -13.09
CA THR A 671 5.13 -37.06 -13.43
C THR A 671 4.21 -36.17 -12.57
N ASP A 672 4.53 -36.03 -11.28
CA ASP A 672 3.72 -35.26 -10.35
C ASP A 672 3.93 -33.76 -10.59
N ILE A 673 3.87 -33.33 -11.87
CA ILE A 673 3.96 -31.92 -12.23
C ILE A 673 2.85 -31.59 -13.22
N THR A 674 2.25 -30.41 -13.05
CA THR A 674 1.08 -30.02 -13.81
C THR A 674 1.32 -28.66 -14.43
N ILE A 675 0.76 -28.49 -15.64
CA ILE A 675 1.03 -27.31 -16.46
C ILE A 675 -0.30 -26.73 -16.92
N GLN A 676 -0.99 -26.04 -16.02
CA GLN A 676 -2.13 -25.23 -16.42
C GLN A 676 -1.59 -23.95 -17.05
N GLY A 677 -2.43 -23.28 -17.84
CA GLY A 677 -2.03 -22.09 -18.60
C GLY A 677 -2.50 -20.78 -17.98
N GLY A 678 -3.51 -20.85 -17.11
CA GLY A 678 -4.13 -19.67 -16.54
C GLY A 678 -4.52 -19.85 -15.08
N ASP A 679 -4.38 -18.75 -14.32
CA ASP A 679 -4.53 -18.77 -12.87
C ASP A 679 -5.01 -17.39 -12.46
N ASP A 680 -5.44 -17.26 -11.21
CA ASP A 680 -5.68 -15.93 -10.66
C ASP A 680 -4.43 -15.08 -10.85
N VAL A 681 -3.26 -15.71 -10.86
CA VAL A 681 -1.99 -14.99 -10.75
C VAL A 681 -1.19 -15.06 -12.05
N PHE A 682 -1.35 -16.14 -12.83
CA PHE A 682 -0.50 -16.36 -13.99
C PHE A 682 -1.28 -16.20 -15.31
N LYS A 683 -0.66 -15.49 -16.27
CA LYS A 683 -1.26 -15.13 -17.54
C LYS A 683 -0.71 -15.99 -18.68
N GLU A 684 0.14 -16.96 -18.35
CA GLU A 684 0.67 -17.90 -19.31
C GLU A 684 0.96 -19.19 -18.54
N ASN A 685 1.52 -20.20 -19.22
CA ASN A 685 1.71 -21.51 -18.61
C ASN A 685 2.47 -21.39 -17.30
N TYR A 686 2.03 -22.15 -16.29
CA TYR A 686 2.72 -22.22 -15.01
C TYR A 686 2.74 -23.67 -14.53
N VAL A 687 3.58 -23.94 -13.53
CA VAL A 687 4.01 -25.28 -13.19
C VAL A 687 3.78 -25.49 -11.71
N THR A 688 2.91 -26.45 -11.38
CA THR A 688 2.69 -26.80 -9.99
C THR A 688 3.51 -28.06 -9.68
N LEU A 689 4.23 -28.05 -8.55
CA LEU A 689 5.01 -29.19 -8.08
C LEU A 689 4.42 -29.71 -6.76
N LEU A 690 4.30 -31.05 -6.68
CA LEU A 690 3.69 -31.72 -5.54
C LEU A 690 4.78 -32.17 -4.56
N GLY A 691 4.33 -32.71 -3.41
CA GLY A 691 5.22 -33.19 -2.37
C GLY A 691 5.85 -34.53 -2.75
N THR A 692 6.20 -35.33 -1.72
CA THR A 692 6.73 -36.67 -1.91
C THR A 692 6.80 -37.39 -0.56
N PHE A 693 6.61 -38.72 -0.58
CA PHE A 693 6.56 -39.51 0.64
C PHE A 693 7.97 -39.85 1.12
N ASP A 694 8.89 -40.14 0.19
CA ASP A 694 10.26 -40.49 0.54
C ASP A 694 11.19 -39.42 -0.01
N GLU A 695 11.96 -38.81 0.89
CA GLU A 695 12.88 -37.74 0.54
C GLU A 695 13.94 -38.24 -0.45
N CYS A 696 14.24 -39.55 -0.37
CA CYS A 696 15.14 -40.20 -1.32
C CYS A 696 14.52 -40.26 -2.73
N TYR A 697 13.36 -39.62 -2.93
CA TYR A 697 12.78 -39.52 -4.26
C TYR A 697 11.92 -38.27 -4.40
N PRO A 698 12.51 -37.11 -4.80
CA PRO A 698 11.80 -35.85 -4.75
C PRO A 698 11.01 -35.59 -6.03
N THR A 699 10.17 -34.56 -5.98
CA THR A 699 9.69 -33.89 -7.18
C THR A 699 10.87 -33.11 -7.75
N TYR A 700 11.00 -33.05 -9.08
CA TYR A 700 12.08 -32.28 -9.68
C TYR A 700 11.69 -31.71 -11.02
N LEU A 701 12.41 -30.67 -11.43
CA LEU A 701 12.29 -30.03 -12.72
C LEU A 701 13.62 -29.37 -13.04
N TYR A 702 14.48 -30.06 -13.79
CA TYR A 702 15.85 -29.62 -13.98
C TYR A 702 16.12 -29.40 -15.46
N GLN A 703 17.28 -28.80 -15.75
CA GLN A 703 17.66 -28.42 -17.10
C GLN A 703 19.15 -28.06 -17.11
N LYS A 704 19.77 -28.19 -18.29
CA LYS A 704 21.15 -27.78 -18.46
C LYS A 704 21.19 -26.65 -19.48
N ILE A 705 21.59 -25.44 -19.03
CA ILE A 705 21.91 -24.38 -19.98
C ILE A 705 23.26 -24.73 -20.58
N ASP A 706 23.31 -24.85 -21.92
CA ASP A 706 24.49 -25.34 -22.62
C ASP A 706 25.53 -24.24 -22.70
N GLU A 707 26.81 -24.62 -22.90
CA GLU A 707 27.91 -23.68 -22.92
C GLU A 707 27.91 -22.85 -24.21
N SER A 708 27.16 -23.30 -25.22
CA SER A 708 26.98 -22.53 -26.45
C SER A 708 26.42 -21.15 -26.15
N LYS A 709 25.69 -21.04 -25.03
CA LYS A 709 24.87 -19.88 -24.70
C LYS A 709 25.46 -19.14 -23.51
N LEU A 710 26.76 -19.33 -23.27
CA LEU A 710 27.43 -18.72 -22.14
C LEU A 710 28.55 -17.80 -22.62
N LYS A 711 28.66 -16.63 -21.99
CA LYS A 711 29.71 -15.65 -22.27
C LYS A 711 30.65 -15.53 -21.08
N ALA A 712 31.94 -15.78 -21.33
CA ALA A 712 32.98 -15.83 -20.30
C ALA A 712 32.87 -14.64 -19.36
N TYR A 713 33.21 -14.89 -18.10
CA TYR A 713 33.29 -13.87 -17.07
C TYR A 713 32.09 -12.92 -17.16
N THR A 714 30.92 -13.45 -16.78
CA THR A 714 29.68 -12.69 -16.79
C THR A 714 28.74 -13.31 -15.75
N ARG A 715 28.19 -12.46 -14.89
CA ARG A 715 27.16 -12.86 -13.95
C ARG A 715 25.88 -13.17 -14.74
N TYR A 716 25.28 -14.32 -14.45
CA TYR A 716 23.98 -14.69 -15.01
C TYR A 716 22.97 -14.77 -13.87
N GLN A 717 21.68 -14.68 -14.21
CA GLN A 717 20.61 -14.62 -13.22
C GLN A 717 19.50 -15.62 -13.58
N LEU A 718 18.95 -16.27 -12.55
CA LEU A 718 17.73 -17.05 -12.68
C LEU A 718 16.63 -16.30 -11.91
N ARG A 719 15.49 -16.12 -12.57
CA ARG A 719 14.38 -15.33 -12.03
C ARG A 719 13.04 -16.01 -12.30
N GLY A 720 12.00 -15.52 -11.63
CA GLY A 720 10.65 -16.04 -11.78
C GLY A 720 9.66 -15.36 -10.84
N TYR A 721 8.61 -16.10 -10.47
CA TYR A 721 7.57 -15.59 -9.60
C TYR A 721 6.80 -16.77 -9.00
N ILE A 722 6.67 -16.75 -7.67
CA ILE A 722 6.02 -17.81 -6.95
C ILE A 722 4.73 -17.27 -6.35
N GLU A 723 3.61 -17.90 -6.74
CA GLU A 723 2.30 -17.63 -6.14
C GLU A 723 2.32 -18.09 -4.68
N ASP A 724 2.59 -19.38 -4.49
CA ASP A 724 2.68 -19.99 -3.16
C ASP A 724 3.71 -21.12 -3.23
N SER A 725 4.35 -21.42 -2.09
CA SER A 725 5.29 -22.52 -2.05
C SER A 725 5.65 -22.86 -0.61
N GLN A 726 6.11 -24.10 -0.43
CA GLN A 726 6.83 -24.51 0.77
C GLN A 726 7.82 -25.61 0.38
N ASP A 727 9.02 -25.54 0.99
CA ASP A 727 10.04 -26.56 0.88
C ASP A 727 10.65 -26.58 -0.52
N LEU A 728 10.50 -25.49 -1.28
CA LEU A 728 11.00 -25.45 -2.64
C LEU A 728 12.51 -25.17 -2.59
N GLU A 729 13.31 -26.16 -3.01
CA GLU A 729 14.75 -25.97 -3.15
C GLU A 729 15.03 -25.51 -4.57
N ILE A 730 16.00 -24.60 -4.72
CA ILE A 730 16.38 -24.07 -6.02
C ILE A 730 17.90 -24.10 -6.10
N TYR A 731 18.45 -24.74 -7.15
CA TYR A 731 19.89 -24.90 -7.29
C TYR A 731 20.38 -24.20 -8.56
N LEU A 732 21.46 -23.43 -8.41
CA LEU A 732 22.25 -23.01 -9.56
C LEU A 732 23.64 -23.63 -9.42
N ILE A 733 24.00 -24.50 -10.36
CA ILE A 733 25.23 -25.27 -10.27
C ILE A 733 26.11 -24.99 -11.48
N ARG A 734 27.41 -24.97 -11.21
CA ARG A 734 28.45 -24.91 -12.21
C ARG A 734 29.75 -25.43 -11.58
N TYR A 735 30.41 -24.56 -10.79
CA TYR A 735 31.64 -24.89 -10.08
C TYR A 735 31.34 -25.41 -8.68
N ASN A 736 30.26 -24.87 -8.09
CA ASN A 736 29.76 -25.28 -6.80
C ASN A 736 28.30 -25.67 -6.96
N ALA A 737 27.68 -26.14 -5.87
CA ALA A 737 26.24 -26.12 -5.73
C ALA A 737 25.87 -24.76 -5.12
N LYS A 738 24.69 -24.24 -5.47
CA LYS A 738 24.21 -22.97 -4.93
C LYS A 738 22.73 -23.11 -4.55
N HIS A 739 22.49 -23.42 -3.27
CA HIS A 739 21.20 -23.91 -2.81
C HIS A 739 20.48 -22.83 -2.01
N GLU A 740 19.21 -22.57 -2.37
CA GLU A 740 18.35 -21.61 -1.68
C GLU A 740 16.97 -22.25 -1.47
N THR A 741 16.39 -22.05 -0.28
CA THR A 741 15.03 -22.48 0.02
C THR A 741 14.10 -21.28 0.05
N VAL A 742 12.86 -21.48 -0.43
CA VAL A 742 11.91 -20.42 -0.69
C VAL A 742 10.54 -20.82 -0.16
N ASN A 743 10.13 -20.21 0.96
CA ASN A 743 8.81 -20.47 1.56
C ASN A 743 7.94 -19.22 1.45
N VAL A 744 7.17 -19.11 0.36
CA VAL A 744 6.40 -17.90 0.08
C VAL A 744 4.91 -18.17 0.32
N PRO A 745 4.27 -17.46 1.28
CA PRO A 745 2.81 -17.51 1.45
C PRO A 745 2.12 -16.43 0.62
N GLY A 746 0.93 -16.77 0.11
CA GLY A 746 0.26 -15.97 -0.92
C GLY A 746 -0.46 -14.74 -0.37
N THR A 747 -0.36 -13.64 -1.14
CA THR A 747 -0.97 -12.35 -0.78
C THR A 747 -2.44 -12.34 -1.24
N LYS A 787 7.69 -14.71 10.05
CA LYS A 787 8.79 -13.72 10.18
C LYS A 787 9.81 -13.95 9.08
N CYS A 788 10.26 -15.20 8.94
CA CYS A 788 11.40 -15.54 8.10
C CYS A 788 10.96 -16.06 6.73
N ALA A 789 9.64 -16.09 6.51
CA ALA A 789 9.08 -16.53 5.23
C ALA A 789 9.50 -15.58 4.11
N HIS A 790 9.96 -16.16 2.99
CA HIS A 790 10.31 -15.43 1.78
C HIS A 790 9.05 -14.99 1.05
N HIS A 791 8.24 -14.16 1.72
CA HIS A 791 6.97 -13.67 1.19
C HIS A 791 7.25 -12.57 0.17
N SER A 792 8.38 -12.68 -0.52
CA SER A 792 8.82 -11.71 -1.52
C SER A 792 8.11 -11.97 -2.83
N HIS A 793 7.62 -13.20 -3.07
CA HIS A 793 6.89 -13.57 -4.27
C HIS A 793 7.79 -13.66 -5.49
N HIS A 794 8.76 -12.73 -5.57
CA HIS A 794 9.82 -12.78 -6.56
C HIS A 794 10.97 -13.62 -6.02
N PHE A 795 11.80 -14.14 -6.95
CA PHE A 795 13.07 -14.77 -6.60
C PHE A 795 14.12 -14.56 -7.70
N SER A 796 15.39 -14.56 -7.28
CA SER A 796 16.53 -14.37 -8.16
C SER A 796 17.74 -15.11 -7.60
N LEU A 797 18.54 -15.69 -8.49
CA LEU A 797 19.70 -16.47 -8.08
C LEU A 797 20.86 -16.22 -9.04
N ASP A 798 22.04 -15.97 -8.47
CA ASP A 798 23.23 -15.59 -9.21
C ASP A 798 24.11 -16.82 -9.47
N ILE A 799 24.72 -16.86 -10.66
CA ILE A 799 25.81 -17.78 -10.92
C ILE A 799 26.78 -17.04 -11.85
N ASP A 800 28.08 -17.33 -11.72
CA ASP A 800 29.12 -16.61 -12.43
C ASP A 800 29.93 -17.57 -13.30
N VAL A 801 29.84 -17.37 -14.62
CA VAL A 801 30.56 -18.17 -15.60
C VAL A 801 32.00 -17.70 -15.68
N GLY A 802 32.92 -18.55 -15.20
CA GLY A 802 34.35 -18.25 -15.24
C GLY A 802 34.85 -18.18 -16.67
N CYS A 803 35.45 -19.29 -17.14
CA CYS A 803 35.90 -19.40 -18.52
C CYS A 803 34.76 -19.96 -19.35
N THR A 804 35.06 -20.40 -20.59
CA THR A 804 34.06 -21.03 -21.43
C THR A 804 34.71 -22.06 -22.35
N ASP A 805 34.74 -23.31 -21.89
CA ASP A 805 35.16 -24.44 -22.70
C ASP A 805 33.93 -24.98 -23.42
N LEU A 806 34.12 -25.60 -24.59
CA LEU A 806 33.02 -26.25 -25.29
C LEU A 806 33.22 -27.76 -25.34
N ASN A 807 34.45 -28.22 -25.13
CA ASN A 807 34.78 -29.64 -25.14
C ASN A 807 34.22 -30.32 -23.89
N GLU A 808 34.04 -29.56 -22.80
CA GLU A 808 33.48 -30.06 -21.55
C GLU A 808 31.98 -29.74 -21.45
N ASP A 809 31.58 -28.56 -21.94
CA ASP A 809 30.19 -28.15 -21.90
C ASP A 809 29.66 -28.34 -20.47
N LEU A 810 30.32 -27.72 -19.48
CA LEU A 810 29.88 -27.78 -18.10
C LEU A 810 28.51 -27.10 -17.98
N GLY A 811 28.43 -25.85 -18.43
CA GLY A 811 27.18 -25.14 -18.52
C GLY A 811 26.71 -24.67 -17.15
N VAL A 812 25.39 -24.56 -17.00
CA VAL A 812 24.77 -24.29 -15.71
C VAL A 812 23.56 -25.20 -15.58
N TRP A 813 23.35 -25.71 -14.37
CA TRP A 813 22.21 -26.56 -14.09
C TRP A 813 21.18 -25.76 -13.29
N VAL A 814 19.93 -25.80 -13.76
CA VAL A 814 18.78 -25.36 -12.99
C VAL A 814 18.13 -26.60 -12.36
N ILE A 815 17.57 -26.45 -11.16
CA ILE A 815 16.94 -27.55 -10.45
C ILE A 815 15.90 -26.95 -9.49
N PHE A 816 14.62 -27.28 -9.69
CA PHE A 816 13.62 -27.08 -8.65
C PHE A 816 13.36 -28.44 -8.02
N LYS A 817 13.25 -28.49 -6.69
CA LYS A 817 13.17 -29.76 -5.99
C LYS A 817 12.39 -29.63 -4.69
N ILE A 818 11.46 -30.56 -4.48
CA ILE A 818 10.64 -30.64 -3.29
C ILE A 818 10.80 -32.03 -2.70
N LYS A 819 10.99 -32.10 -1.38
CA LYS A 819 11.47 -33.31 -0.73
C LYS A 819 10.54 -33.74 0.42
N THR A 820 9.50 -32.95 0.72
CA THR A 820 8.72 -33.11 1.92
C THR A 820 7.35 -33.71 1.58
N GLN A 821 6.76 -34.38 2.58
CA GLN A 821 5.45 -35.02 2.47
C GLN A 821 4.38 -33.99 2.15
N ASP A 822 4.50 -32.79 2.75
CA ASP A 822 3.48 -31.77 2.60
C ASP A 822 4.14 -30.49 2.10
N GLY A 823 4.83 -30.61 0.97
CA GLY A 823 5.39 -29.48 0.26
C GLY A 823 4.70 -29.29 -1.08
N HIS A 824 5.01 -28.16 -1.73
CA HIS A 824 4.32 -27.77 -2.94
C HIS A 824 4.99 -26.54 -3.53
N ALA A 825 4.54 -26.13 -4.72
CA ALA A 825 4.97 -24.87 -5.31
C ALA A 825 4.16 -24.58 -6.57
N ARG A 826 4.12 -23.30 -6.98
CA ARG A 826 3.63 -22.90 -8.30
C ARG A 826 4.52 -21.77 -8.82
N LEU A 827 5.18 -22.00 -9.95
CA LEU A 827 6.02 -20.97 -10.52
C LEU A 827 5.91 -20.97 -12.04
N GLY A 828 6.52 -19.95 -12.65
CA GLY A 828 6.31 -19.59 -14.04
C GLY A 828 6.70 -18.14 -14.25
N ASN A 829 6.60 -17.66 -15.49
CA ASN A 829 7.27 -16.43 -15.89
C ASN A 829 8.74 -16.58 -15.49
N LEU A 830 9.37 -17.66 -15.97
CA LEU A 830 10.77 -17.93 -15.67
C LEU A 830 11.64 -17.28 -16.74
N GLU A 831 12.92 -17.10 -16.39
CA GLU A 831 13.94 -16.65 -17.33
C GLU A 831 15.35 -16.91 -16.78
N PHE A 832 16.31 -17.06 -17.69
CA PHE A 832 17.73 -17.13 -17.40
C PHE A 832 18.42 -16.20 -18.38
N LEU A 833 19.13 -15.19 -17.87
CA LEU A 833 19.62 -14.11 -18.72
C LEU A 833 21.01 -13.67 -18.27
N GLU A 834 21.82 -13.25 -19.24
CA GLU A 834 23.00 -12.45 -19.01
C GLU A 834 22.63 -11.24 -18.15
N GLU A 835 23.54 -10.82 -17.26
CA GLU A 835 23.33 -9.67 -16.39
C GLU A 835 24.38 -8.59 -16.68
N LYS A 836 25.65 -8.86 -16.33
CA LYS A 836 26.70 -7.84 -16.40
C LYS A 836 28.07 -8.50 -16.56
N PRO A 837 29.14 -7.72 -16.89
CA PRO A 837 30.51 -8.22 -16.85
C PRO A 837 31.09 -8.26 -15.44
N LEU A 838 31.60 -9.43 -15.05
CA LEU A 838 32.34 -9.58 -13.81
C LEU A 838 33.57 -8.68 -13.85
N VAL A 839 33.96 -8.16 -12.68
CA VAL A 839 34.96 -7.11 -12.60
C VAL A 839 35.20 -6.82 -11.11
N GLY A 840 36.44 -6.48 -10.77
CA GLY A 840 36.82 -6.25 -9.39
C GLY A 840 37.03 -7.56 -8.62
N GLU A 841 36.26 -7.75 -7.54
CA GLU A 841 36.39 -8.92 -6.68
C GLU A 841 35.73 -10.14 -7.35
N ALA A 842 34.47 -9.99 -7.77
CA ALA A 842 33.71 -11.08 -8.39
C ALA A 842 34.59 -11.91 -9.33
N LEU A 843 35.44 -11.22 -10.09
CA LEU A 843 36.29 -11.85 -11.08
C LEU A 843 37.41 -12.63 -10.42
N ALA A 844 37.81 -12.20 -9.21
CA ALA A 844 38.86 -12.84 -8.43
C ALA A 844 38.34 -14.11 -7.77
N ARG A 845 37.05 -14.09 -7.39
CA ARG A 845 36.46 -15.21 -6.66
C ARG A 845 36.15 -16.35 -7.62
N VAL A 846 35.57 -16.00 -8.77
CA VAL A 846 35.20 -16.98 -9.78
C VAL A 846 36.45 -17.72 -10.27
N LYS A 847 37.55 -16.98 -10.45
CA LYS A 847 38.79 -17.53 -11.00
C LYS A 847 39.42 -18.48 -9.98
N ARG A 848 39.30 -18.16 -8.68
CA ARG A 848 39.66 -19.08 -7.61
C ARG A 848 38.83 -20.36 -7.73
N ALA A 849 37.53 -20.21 -8.01
CA ALA A 849 36.57 -21.30 -8.09
C ALA A 849 36.57 -21.99 -9.46
N GLU A 850 37.35 -21.45 -10.40
CA GLU A 850 37.76 -22.19 -11.59
C GLU A 850 38.80 -23.23 -11.22
N LYS A 851 40.00 -22.74 -10.85
CA LYS A 851 41.12 -23.61 -10.57
C LYS A 851 40.66 -24.71 -9.60
N LYS A 852 39.92 -24.30 -8.57
CA LYS A 852 39.60 -25.18 -7.45
C LYS A 852 38.48 -26.15 -7.82
N TRP A 853 37.80 -25.91 -8.96
CA TRP A 853 37.01 -26.97 -9.58
C TRP A 853 37.95 -27.91 -10.34
N ARG A 854 38.96 -27.33 -11.00
CA ARG A 854 39.86 -28.04 -11.89
C ARG A 854 40.81 -28.92 -11.10
N ASP A 855 41.22 -28.45 -9.91
CA ASP A 855 42.03 -29.22 -9.00
C ASP A 855 41.28 -30.48 -8.54
N LYS A 856 39.95 -30.46 -8.66
CA LYS A 856 39.11 -31.58 -8.24
C LYS A 856 38.89 -32.51 -9.42
N ARG A 857 38.60 -31.94 -10.59
CA ARG A 857 38.39 -32.72 -11.80
C ARG A 857 39.50 -33.74 -11.99
N GLU A 858 40.73 -33.37 -11.63
CA GLU A 858 41.91 -34.17 -11.91
C GLU A 858 42.14 -35.19 -10.80
N LYS A 859 41.83 -34.83 -9.56
CA LYS A 859 41.96 -35.75 -8.45
C LYS A 859 40.80 -36.74 -8.51
N LEU A 860 39.69 -36.37 -9.16
CA LEU A 860 38.63 -37.31 -9.50
C LEU A 860 39.17 -38.31 -10.53
N GLU A 861 39.92 -37.79 -11.50
CA GLU A 861 40.27 -38.53 -12.70
C GLU A 861 41.34 -39.58 -12.39
N TRP A 862 42.38 -39.18 -11.65
CA TRP A 862 43.47 -40.08 -11.27
C TRP A 862 42.97 -41.14 -10.29
N GLU A 863 42.18 -40.69 -9.29
CA GLU A 863 41.59 -41.58 -8.29
C GLU A 863 40.66 -42.61 -8.97
N THR A 864 39.95 -42.19 -10.04
CA THR A 864 38.97 -43.03 -10.68
C THR A 864 39.61 -43.91 -11.76
N ASN A 865 40.74 -43.47 -12.31
CA ASN A 865 41.46 -44.23 -13.33
C ASN A 865 42.02 -45.50 -12.73
N ILE A 866 42.48 -45.39 -11.48
CA ILE A 866 42.96 -46.54 -10.72
C ILE A 866 41.79 -47.50 -10.51
N VAL A 867 40.66 -46.95 -10.08
CA VAL A 867 39.56 -47.67 -9.47
C VAL A 867 38.79 -48.49 -10.50
N TYR A 868 38.59 -47.93 -11.70
CA TYR A 868 38.00 -48.70 -12.79
C TYR A 868 38.86 -49.93 -13.06
N LYS A 869 40.18 -49.70 -13.20
CA LYS A 869 41.10 -50.76 -13.62
C LYS A 869 41.42 -51.66 -12.43
N GLU A 870 41.04 -51.26 -11.22
CA GLU A 870 41.06 -52.16 -10.08
C GLU A 870 39.76 -52.96 -9.98
N ALA A 871 38.65 -52.34 -10.39
CA ALA A 871 37.34 -52.96 -10.29
C ALA A 871 37.11 -53.93 -11.45
N LYS A 872 37.49 -53.52 -12.66
CA LYS A 872 37.34 -54.36 -13.84
C LYS A 872 38.08 -55.67 -13.63
N GLU A 873 39.34 -55.58 -13.16
CA GLU A 873 40.15 -56.74 -12.78
C GLU A 873 39.36 -57.66 -11.86
N SER A 874 38.78 -57.08 -10.81
CA SER A 874 38.10 -57.83 -9.75
C SER A 874 36.81 -58.47 -10.25
N VAL A 875 36.20 -57.85 -11.27
CA VAL A 875 34.92 -58.29 -11.79
C VAL A 875 35.09 -59.59 -12.58
N ASP A 876 36.15 -59.69 -13.40
CA ASP A 876 36.28 -60.74 -14.39
C ASP A 876 36.75 -62.04 -13.71
N ALA A 877 37.34 -61.90 -12.52
CA ALA A 877 37.72 -63.04 -11.68
C ALA A 877 36.52 -63.96 -11.43
N LEU A 878 35.32 -63.44 -11.71
CA LEU A 878 34.05 -64.13 -11.51
C LEU A 878 33.66 -64.87 -12.79
N PHE A 879 33.86 -64.18 -13.94
CA PHE A 879 33.53 -64.70 -15.26
C PHE A 879 34.71 -65.48 -15.82
N VAL A 880 34.47 -66.16 -16.94
CA VAL A 880 35.45 -67.10 -17.48
C VAL A 880 35.80 -66.76 -18.93
N ASN A 881 35.30 -65.62 -19.44
CA ASN A 881 35.62 -65.21 -20.80
C ASN A 881 35.30 -63.73 -20.99
N SER A 882 35.79 -63.18 -22.12
CA SER A 882 35.53 -61.80 -22.53
C SER A 882 34.03 -61.64 -22.78
N GLN A 883 33.47 -62.53 -23.59
CA GLN A 883 32.04 -62.75 -23.61
C GLN A 883 31.62 -63.09 -22.18
N TYR A 884 30.70 -62.31 -21.62
CA TYR A 884 30.20 -62.50 -20.27
C TYR A 884 29.03 -63.47 -20.31
N ASP A 885 29.36 -64.78 -20.35
CA ASP A 885 28.42 -65.83 -20.68
C ASP A 885 28.33 -66.83 -19.52
N ARG A 886 29.45 -67.42 -19.11
CA ARG A 886 29.45 -68.36 -18.00
C ARG A 886 30.26 -67.78 -16.85
N LEU A 887 30.06 -68.36 -15.66
CA LEU A 887 30.82 -68.01 -14.46
C LEU A 887 32.06 -68.90 -14.37
N GLN A 888 32.69 -68.89 -13.19
CA GLN A 888 33.66 -69.91 -12.83
C GLN A 888 33.05 -70.78 -11.73
N ALA A 889 33.35 -72.08 -11.80
CA ALA A 889 32.74 -73.08 -10.92
C ALA A 889 33.07 -72.76 -9.47
N ASP A 890 34.31 -72.35 -9.20
CA ASP A 890 34.69 -71.95 -7.84
C ASP A 890 34.66 -70.42 -7.74
N THR A 891 33.55 -69.80 -8.16
CA THR A 891 33.16 -68.46 -7.72
C THR A 891 31.82 -68.53 -7.00
N ASN A 892 31.76 -67.91 -5.80
CA ASN A 892 30.63 -67.94 -4.90
C ASN A 892 29.99 -66.55 -4.85
N ILE A 893 29.07 -66.34 -3.90
CA ILE A 893 28.27 -65.13 -3.85
C ILE A 893 29.03 -64.02 -3.13
N ALA A 894 30.00 -64.39 -2.29
CA ALA A 894 30.76 -63.42 -1.52
C ALA A 894 31.74 -62.67 -2.42
N MET A 895 32.17 -63.36 -3.48
CA MET A 895 33.07 -62.78 -4.47
C MET A 895 32.32 -61.79 -5.36
N ILE A 896 31.13 -62.19 -5.81
CA ILE A 896 30.19 -61.32 -6.51
C ILE A 896 29.93 -60.06 -5.67
N HIS A 897 29.70 -60.27 -4.37
CA HIS A 897 29.34 -59.19 -3.45
C HIS A 897 30.54 -58.29 -3.20
N ALA A 898 31.72 -58.90 -2.97
CA ALA A 898 32.96 -58.16 -2.76
C ALA A 898 33.33 -57.36 -4.02
N ALA A 899 32.83 -57.80 -5.18
CA ALA A 899 33.09 -57.12 -6.45
C ALA A 899 32.17 -55.91 -6.66
N ASP A 900 31.03 -55.85 -5.94
CA ASP A 900 30.11 -54.73 -6.07
C ASP A 900 30.64 -53.57 -5.23
N LYS A 901 31.38 -53.87 -4.15
CA LYS A 901 31.98 -52.81 -3.35
C LYS A 901 33.06 -52.07 -4.14
N ARG A 902 33.69 -52.78 -5.10
CA ARG A 902 34.76 -52.23 -5.91
C ARG A 902 34.19 -51.35 -7.03
N VAL A 903 32.91 -51.56 -7.35
CA VAL A 903 32.20 -50.83 -8.40
C VAL A 903 31.45 -49.64 -7.80
N HIS A 904 30.94 -49.80 -6.58
CA HIS A 904 30.13 -48.78 -5.95
C HIS A 904 31.03 -47.75 -5.27
N SER A 905 32.35 -47.92 -5.45
CA SER A 905 33.34 -47.00 -4.93
C SER A 905 33.81 -46.03 -6.02
N ILE A 906 33.21 -46.13 -7.21
CA ILE A 906 33.62 -45.30 -8.34
C ILE A 906 33.51 -43.83 -7.95
N ARG A 907 32.35 -43.42 -7.45
CA ARG A 907 32.19 -42.08 -6.92
C ARG A 907 31.92 -41.10 -8.06
N GLU A 908 31.09 -40.10 -7.74
CA GLU A 908 30.55 -39.12 -8.68
C GLU A 908 29.86 -39.81 -9.86
N ALA A 909 29.29 -41.00 -9.63
CA ALA A 909 28.50 -41.66 -10.65
C ALA A 909 27.32 -40.77 -11.00
N TYR A 910 26.72 -40.17 -9.97
CA TYR A 910 25.52 -39.36 -10.09
C TYR A 910 25.65 -38.09 -9.25
N LEU A 911 24.83 -37.10 -9.57
CA LEU A 911 24.82 -35.84 -8.86
C LEU A 911 24.29 -36.06 -7.45
N PRO A 912 25.09 -35.77 -6.38
CA PRO A 912 24.61 -35.90 -4.99
C PRO A 912 23.33 -35.15 -4.67
N GLU A 913 23.17 -33.96 -5.28
CA GLU A 913 22.02 -33.10 -5.04
C GLU A 913 20.75 -33.82 -5.51
N LEU A 914 20.83 -34.44 -6.71
CA LEU A 914 19.69 -35.08 -7.33
C LEU A 914 20.17 -36.27 -8.16
N SER A 915 20.05 -37.48 -7.60
CA SER A 915 20.63 -38.68 -8.20
C SER A 915 20.09 -38.89 -9.61
N VAL A 916 18.90 -38.37 -9.88
CA VAL A 916 18.33 -38.40 -11.22
C VAL A 916 19.38 -37.93 -12.23
N ILE A 917 19.83 -36.67 -12.11
CA ILE A 917 20.81 -36.09 -13.03
C ILE A 917 22.06 -36.97 -13.04
N PRO A 918 22.39 -37.62 -14.18
CA PRO A 918 23.62 -38.43 -14.27
C PRO A 918 24.86 -37.53 -14.28
N GLY A 919 25.99 -38.06 -13.78
CA GLY A 919 27.23 -37.31 -13.70
C GLY A 919 28.36 -37.98 -14.47
N VAL A 920 29.59 -37.47 -14.28
CA VAL A 920 30.78 -38.06 -14.86
C VAL A 920 30.88 -39.49 -14.34
N ASN A 921 31.50 -40.39 -15.13
CA ASN A 921 31.60 -41.79 -14.73
C ASN A 921 30.22 -42.33 -14.43
N ALA A 922 29.26 -42.08 -15.34
CA ALA A 922 27.95 -42.72 -15.28
C ALA A 922 28.02 -43.97 -16.13
N ALA A 923 28.45 -43.79 -17.39
CA ALA A 923 28.46 -44.86 -18.37
C ALA A 923 29.36 -46.00 -17.90
N ILE A 924 30.42 -45.67 -17.15
CA ILE A 924 31.40 -46.66 -16.75
C ILE A 924 30.90 -47.35 -15.48
N PHE A 925 30.27 -46.59 -14.59
CA PHE A 925 29.67 -47.17 -13.40
C PHE A 925 28.57 -48.14 -13.84
N GLU A 926 27.74 -47.68 -14.79
CA GLU A 926 26.52 -48.38 -15.18
C GLU A 926 26.83 -49.73 -15.81
N GLU A 927 27.98 -49.84 -16.51
CA GLU A 927 28.32 -51.07 -17.21
C GLU A 927 28.91 -52.09 -16.24
N LEU A 928 29.64 -51.60 -15.23
CA LEU A 928 30.19 -52.50 -14.21
C LEU A 928 29.06 -53.00 -13.31
N GLU A 929 28.13 -52.10 -12.95
CA GLU A 929 26.95 -52.48 -12.17
C GLU A 929 26.04 -53.41 -12.98
N GLY A 930 26.19 -53.38 -14.31
CA GLY A 930 25.53 -54.34 -15.18
C GLY A 930 26.12 -55.74 -14.99
N ARG A 931 27.44 -55.85 -15.13
CA ARG A 931 28.09 -57.15 -15.09
C ARG A 931 27.94 -57.77 -13.71
N ILE A 932 27.78 -56.92 -12.69
CA ILE A 932 27.45 -57.40 -11.35
C ILE A 932 26.08 -58.08 -11.39
N PHE A 933 25.09 -57.45 -12.03
CA PHE A 933 23.77 -58.05 -12.19
C PHE A 933 23.87 -59.28 -13.09
N THR A 934 24.69 -59.16 -14.15
CA THR A 934 24.90 -60.26 -15.08
C THR A 934 25.33 -61.50 -14.29
N ALA A 935 26.32 -61.33 -13.40
CA ALA A 935 26.86 -62.42 -12.60
C ALA A 935 25.78 -63.07 -11.73
N PHE A 936 25.00 -62.23 -11.03
CA PHE A 936 23.92 -62.68 -10.16
C PHE A 936 22.99 -63.66 -10.88
N SER A 937 22.79 -63.44 -12.18
CA SER A 937 21.80 -64.17 -12.98
C SER A 937 22.20 -65.62 -13.18
N LEU A 938 23.52 -65.85 -13.27
CA LEU A 938 24.08 -67.15 -13.60
C LEU A 938 24.11 -68.01 -12.34
N TYR A 939 24.44 -67.38 -11.20
CA TYR A 939 24.46 -68.03 -9.90
C TYR A 939 23.11 -68.71 -9.66
N ASP A 940 22.04 -68.07 -10.14
CA ASP A 940 20.70 -68.61 -10.06
C ASP A 940 20.54 -69.79 -11.01
N ALA A 941 21.05 -69.64 -12.24
CA ALA A 941 21.00 -70.70 -13.24
C ALA A 941 21.60 -71.99 -12.71
N ARG A 942 22.90 -71.95 -12.34
CA ARG A 942 23.65 -73.13 -11.98
C ARG A 942 23.03 -73.81 -10.76
N ASN A 943 22.43 -73.03 -9.85
CA ASN A 943 21.92 -73.55 -8.58
C ASN A 943 20.74 -74.48 -8.85
N VAL A 944 20.92 -75.76 -8.49
CA VAL A 944 19.86 -76.75 -8.60
C VAL A 944 18.82 -76.45 -7.53
N ILE A 945 19.27 -75.88 -6.41
CA ILE A 945 18.38 -75.47 -5.33
C ILE A 945 17.44 -74.37 -5.84
N LYS A 946 16.22 -74.37 -5.29
CA LYS A 946 15.15 -73.49 -5.74
C LYS A 946 15.06 -72.32 -4.74
N ASN A 947 15.59 -71.15 -5.14
CA ASN A 947 15.46 -69.91 -4.40
C ASN A 947 16.38 -69.93 -3.17
N GLY A 948 17.66 -70.24 -3.43
CA GLY A 948 18.65 -70.42 -2.38
C GLY A 948 19.28 -69.10 -1.93
N ASP A 949 19.09 -68.05 -2.74
CA ASP A 949 19.56 -66.72 -2.43
C ASP A 949 18.67 -66.08 -1.38
N PHE A 950 17.38 -66.46 -1.37
CA PHE A 950 16.36 -65.83 -0.55
C PHE A 950 16.09 -64.43 -1.10
N ASN A 951 16.09 -64.32 -2.44
CA ASN A 951 15.77 -63.08 -3.11
C ASN A 951 14.26 -62.96 -3.31
N ASN A 952 13.57 -64.10 -3.23
CA ASN A 952 12.12 -64.15 -3.37
C ASN A 952 11.49 -64.57 -2.04
N GLY A 953 11.99 -63.98 -0.95
CA GLY A 953 11.49 -64.32 0.37
C GLY A 953 11.76 -65.78 0.70
N LEU A 954 10.95 -66.36 1.60
CA LEU A 954 11.16 -67.73 2.07
C LEU A 954 10.34 -68.72 1.23
N SER A 955 10.20 -68.44 -0.07
CA SER A 955 9.29 -69.19 -0.92
C SER A 955 10.04 -70.37 -1.52
N CYS A 956 9.31 -71.47 -1.78
CA CYS A 956 9.86 -72.72 -2.25
C CYS A 956 10.66 -73.40 -1.13
N TRP A 957 10.65 -72.82 0.07
CA TRP A 957 11.16 -73.46 1.28
C TRP A 957 9.97 -73.87 2.15
N ASN A 958 10.19 -74.81 3.08
CA ASN A 958 9.15 -75.25 4.01
C ASN A 958 9.51 -74.80 5.42
N VAL A 959 8.85 -73.73 5.86
CA VAL A 959 9.26 -72.99 7.04
C VAL A 959 8.45 -73.46 8.24
N LYS A 960 9.13 -73.67 9.38
CA LYS A 960 8.55 -74.28 10.56
C LYS A 960 8.33 -73.24 11.66
N GLY A 961 9.40 -72.79 12.31
CA GLY A 961 9.30 -71.89 13.46
C GLY A 961 8.94 -70.47 13.03
N HIS A 962 9.26 -69.51 13.90
CA HIS A 962 9.13 -68.09 13.58
C HIS A 962 10.45 -67.61 13.00
N VAL A 963 10.57 -67.75 11.67
CA VAL A 963 11.71 -67.27 10.90
C VAL A 963 11.27 -65.97 10.23
N ASP A 964 12.24 -65.20 9.70
CA ASP A 964 11.90 -64.15 8.75
C ASP A 964 13.08 -63.94 7.81
N VAL A 965 13.00 -62.90 6.96
CA VAL A 965 14.02 -62.60 5.97
C VAL A 965 14.11 -61.08 5.82
N GLU A 966 15.31 -60.58 5.49
CA GLU A 966 15.55 -59.15 5.31
C GLU A 966 16.60 -58.96 4.22
N GLU A 967 16.66 -57.74 3.67
CA GLU A 967 17.63 -57.40 2.63
C GLU A 967 18.77 -56.61 3.25
N GLN A 968 19.94 -56.64 2.58
CA GLN A 968 21.12 -55.89 3.01
C GLN A 968 21.60 -54.99 1.87
N ASN A 969 22.79 -54.40 2.05
CA ASN A 969 23.36 -53.46 1.09
C ASN A 969 23.86 -54.22 -0.14
N ASN A 970 23.69 -53.60 -1.31
CA ASN A 970 24.17 -54.13 -2.58
C ASN A 970 23.57 -55.51 -2.85
N HIS A 971 22.30 -55.51 -3.27
CA HIS A 971 21.70 -56.66 -3.93
C HIS A 971 21.94 -57.92 -3.10
N ARG A 972 21.87 -57.78 -1.78
CA ARG A 972 21.95 -58.91 -0.87
C ARG A 972 20.56 -59.18 -0.27
N SER A 973 20.28 -60.46 -0.01
CA SER A 973 19.03 -60.87 0.60
C SER A 973 19.31 -62.08 1.49
N VAL A 974 18.93 -61.97 2.77
CA VAL A 974 19.47 -62.83 3.81
C VAL A 974 18.35 -63.38 4.67
N LEU A 975 18.25 -64.71 4.70
CA LEU A 975 17.39 -65.42 5.63
C LEU A 975 17.95 -65.26 7.04
N VAL A 976 17.05 -65.23 8.03
CA VAL A 976 17.42 -65.11 9.43
C VAL A 976 16.56 -66.07 10.26
N VAL A 977 17.22 -67.07 10.87
CA VAL A 977 16.62 -67.96 11.85
C VAL A 977 16.83 -67.36 13.24
N PRO A 978 15.79 -66.77 13.90
CA PRO A 978 15.97 -66.07 15.17
C PRO A 978 15.69 -66.85 16.46
N GLU A 979 15.59 -68.18 16.37
CA GLU A 979 15.34 -69.03 17.52
C GLU A 979 15.48 -70.48 17.07
N TRP A 980 15.97 -71.33 17.97
CA TRP A 980 16.53 -72.61 17.57
C TRP A 980 15.44 -73.58 17.12
N GLU A 981 14.24 -73.40 17.67
CA GLU A 981 13.11 -74.24 17.34
C GLU A 981 12.65 -74.05 15.90
N ALA A 982 13.37 -73.19 15.13
CA ALA A 982 12.97 -72.84 13.77
C ALA A 982 13.70 -73.72 12.76
N GLU A 983 12.97 -74.13 11.71
CA GLU A 983 13.48 -75.05 10.69
C GLU A 983 13.13 -74.48 9.31
N VAL A 984 13.90 -74.86 8.27
CA VAL A 984 13.71 -74.34 6.92
C VAL A 984 14.17 -75.40 5.91
N SER A 985 13.31 -76.40 5.63
CA SER A 985 13.66 -77.50 4.75
C SER A 985 13.34 -77.16 3.29
N GLN A 986 13.99 -77.86 2.36
CA GLN A 986 13.56 -77.87 0.97
C GLN A 986 14.05 -79.15 0.28
N GLU A 987 13.13 -79.82 -0.41
CA GLU A 987 13.48 -80.96 -1.24
C GLU A 987 14.09 -80.45 -2.55
N VAL A 988 15.10 -81.16 -3.05
CA VAL A 988 15.67 -80.87 -4.35
C VAL A 988 15.79 -82.18 -5.11
N ARG A 989 15.48 -82.16 -6.42
CA ARG A 989 15.64 -83.35 -7.25
C ARG A 989 17.01 -83.34 -7.91
N VAL A 990 17.74 -84.43 -7.66
CA VAL A 990 19.13 -84.59 -8.04
C VAL A 990 19.25 -85.83 -8.91
N CYS A 991 20.45 -86.04 -9.46
CA CYS A 991 20.70 -87.13 -10.37
C CYS A 991 21.42 -88.28 -9.66
N PRO A 992 20.77 -89.45 -9.47
CA PRO A 992 21.43 -90.60 -8.84
C PRO A 992 22.83 -90.93 -9.35
N GLY A 993 23.84 -90.64 -8.53
CA GLY A 993 25.19 -91.17 -8.68
C GLY A 993 26.17 -90.20 -9.36
N ARG A 994 25.95 -88.89 -9.18
CA ARG A 994 26.75 -87.87 -9.83
C ARG A 994 27.49 -87.08 -8.75
N GLY A 995 28.32 -86.11 -9.20
CA GLY A 995 29.07 -85.25 -8.31
C GLY A 995 28.45 -83.88 -8.16
N TYR A 996 27.91 -83.59 -6.95
CA TYR A 996 27.35 -82.29 -6.61
C TYR A 996 28.28 -81.58 -5.63
N ILE A 997 28.27 -80.24 -5.65
CA ILE A 997 28.84 -79.49 -4.54
C ILE A 997 27.69 -78.92 -3.72
N LEU A 998 27.94 -78.72 -2.41
CA LEU A 998 27.08 -77.94 -1.55
C LEU A 998 27.93 -76.84 -0.88
N ARG A 999 27.55 -75.59 -1.14
CA ARG A 999 28.30 -74.42 -0.68
C ARG A 999 27.34 -73.50 0.08
N VAL A 1000 27.71 -73.14 1.32
CA VAL A 1000 26.88 -72.32 2.19
C VAL A 1000 27.65 -71.07 2.59
N THR A 1001 26.93 -69.94 2.67
CA THR A 1001 27.50 -68.65 3.01
C THR A 1001 26.68 -67.97 4.10
N ALA A 1002 27.20 -67.97 5.33
CA ALA A 1002 26.43 -67.49 6.47
C ALA A 1002 27.38 -67.12 7.62
N TYR A 1003 26.87 -66.27 8.53
CA TYR A 1003 27.53 -66.04 9.80
C TYR A 1003 26.52 -66.29 10.92
N LYS A 1004 27.05 -66.40 12.13
CA LYS A 1004 26.30 -66.81 13.31
C LYS A 1004 26.35 -65.66 14.32
N GLU A 1005 25.30 -65.51 15.14
CA GLU A 1005 25.31 -64.54 16.22
C GLU A 1005 24.80 -65.19 17.50
N GLY A 1006 25.34 -64.72 18.63
CA GLY A 1006 24.99 -65.28 19.94
C GLY A 1006 25.89 -66.46 20.24
N TYR A 1007 25.44 -67.33 21.13
CA TYR A 1007 26.13 -68.59 21.37
C TYR A 1007 25.62 -69.62 20.36
N GLY A 1008 26.19 -70.82 20.41
CA GLY A 1008 25.70 -71.95 19.64
C GLY A 1008 26.20 -71.94 18.20
N GLU A 1009 25.87 -73.03 17.49
CA GLU A 1009 26.22 -73.18 16.08
C GLU A 1009 24.94 -73.34 15.27
N GLY A 1010 24.99 -72.96 13.98
CA GLY A 1010 23.88 -73.13 13.04
C GLY A 1010 24.31 -74.01 11.88
N CYS A 1011 23.48 -75.00 11.53
CA CYS A 1011 23.94 -76.14 10.75
C CYS A 1011 23.00 -76.42 9.59
N VAL A 1012 23.61 -76.66 8.42
CA VAL A 1012 22.92 -76.84 7.14
C VAL A 1012 23.15 -78.26 6.66
N THR A 1013 22.22 -79.17 7.00
CA THR A 1013 22.39 -80.58 6.75
C THR A 1013 21.87 -80.94 5.37
N ILE A 1014 22.26 -82.14 4.91
CA ILE A 1014 21.86 -82.68 3.62
C ILE A 1014 21.76 -84.20 3.77
N HIS A 1015 20.62 -84.75 3.37
CA HIS A 1015 20.41 -86.19 3.41
C HIS A 1015 19.36 -86.57 2.38
N GLU A 1016 19.21 -87.88 2.15
CA GLU A 1016 18.15 -88.41 1.29
C GLU A 1016 17.25 -89.29 2.17
N ILE A 1017 16.35 -90.05 1.54
CA ILE A 1017 15.43 -90.91 2.27
C ILE A 1017 16.19 -91.81 3.25
N GLU A 1018 17.43 -92.18 2.90
CA GLU A 1018 18.21 -93.07 3.75
C GLU A 1018 19.66 -92.60 3.93
N ASN A 1019 19.86 -91.73 4.92
CA ASN A 1019 21.05 -91.75 5.76
C ASN A 1019 22.32 -91.27 5.06
N ASN A 1020 22.18 -90.61 3.90
CA ASN A 1020 23.36 -90.08 3.25
C ASN A 1020 23.58 -88.67 3.79
N THR A 1021 23.72 -88.59 5.12
CA THR A 1021 23.57 -87.35 5.86
C THR A 1021 24.91 -86.63 6.02
N ASP A 1022 25.04 -85.44 5.43
CA ASP A 1022 26.20 -84.59 5.67
C ASP A 1022 25.69 -83.26 6.24
N GLU A 1023 26.63 -82.44 6.74
CA GLU A 1023 26.30 -81.30 7.58
C GLU A 1023 27.39 -80.24 7.44
N LEU A 1024 26.97 -78.98 7.43
CA LEU A 1024 27.88 -77.85 7.51
C LEU A 1024 27.55 -77.06 8.78
N LYS A 1025 28.55 -76.41 9.37
CA LYS A 1025 28.36 -75.70 10.63
C LYS A 1025 29.14 -74.40 10.64
N PHE A 1026 28.55 -73.39 11.30
CA PHE A 1026 29.17 -72.09 11.50
C PHE A 1026 29.03 -71.68 12.96
N SER A 1027 30.15 -71.29 13.56
CA SER A 1027 30.17 -70.72 14.90
C SER A 1027 31.31 -69.74 14.99
N ASN A 1028 31.26 -68.86 16.00
CA ASN A 1028 32.28 -67.84 16.18
C ASN A 1028 33.58 -68.46 16.69
N CYS A 1029 33.47 -69.38 17.68
CA CYS A 1029 34.63 -70.06 18.26
C CYS A 1029 35.23 -69.15 19.34
N ALA A 1030 35.23 -69.61 20.61
CA ALA A 1030 35.87 -68.86 21.70
C ALA A 1030 35.47 -69.42 23.07
N GLU A 1031 34.71 -68.63 23.84
CA GLU A 1031 34.22 -69.00 25.17
C GLU A 1031 35.27 -69.85 25.89
N ALA A 1105 27.78 -58.18 8.64
CA ALA A 1105 29.07 -57.73 8.05
C ALA A 1105 30.11 -58.87 8.10
N GLY A 1106 30.27 -59.56 6.95
CA GLY A 1106 31.32 -60.54 6.76
C GLY A 1106 30.82 -61.98 6.95
N TYR A 1107 30.80 -62.75 5.85
CA TYR A 1107 30.23 -64.09 5.85
C TYR A 1107 31.31 -65.11 5.53
N VAL A 1108 31.49 -66.07 6.45
CA VAL A 1108 32.30 -67.25 6.18
C VAL A 1108 31.57 -68.07 5.12
N THR A 1109 32.35 -68.75 4.25
CA THR A 1109 31.78 -69.64 3.24
C THR A 1109 32.49 -70.99 3.29
N LYS A 1110 31.69 -72.06 3.42
CA LYS A 1110 32.23 -73.42 3.52
C LYS A 1110 31.56 -74.28 2.45
N GLU A 1111 32.28 -75.32 1.98
CA GLU A 1111 31.78 -76.20 0.93
C GLU A 1111 32.00 -77.67 1.29
N LEU A 1112 31.39 -78.56 0.51
CA LEU A 1112 31.64 -80.00 0.58
C LEU A 1112 31.26 -80.68 -0.74
N GLU A 1113 31.72 -81.92 -0.92
CA GLU A 1113 31.45 -82.70 -2.11
C GLU A 1113 30.45 -83.81 -1.77
N TYR A 1114 29.34 -83.89 -2.54
CA TYR A 1114 28.22 -84.76 -2.19
C TYR A 1114 27.75 -85.60 -3.38
N PHE A 1115 27.46 -86.89 -3.11
CA PHE A 1115 27.01 -87.84 -4.12
C PHE A 1115 25.81 -88.63 -3.57
N PRO A 1116 24.57 -88.39 -4.07
CA PRO A 1116 23.41 -89.19 -3.67
C PRO A 1116 23.13 -90.35 -4.61
N GLU A 1117 22.62 -91.46 -4.07
CA GLU A 1117 22.31 -92.65 -4.84
C GLU A 1117 20.85 -92.64 -5.28
N THR A 1118 19.97 -92.02 -4.51
CA THR A 1118 18.60 -91.76 -4.95
C THR A 1118 18.57 -90.41 -5.66
N ASP A 1119 17.37 -89.94 -5.99
CA ASP A 1119 17.19 -88.72 -6.76
C ASP A 1119 16.67 -87.55 -5.90
N LYS A 1120 16.33 -87.82 -4.63
CA LYS A 1120 15.79 -86.79 -3.76
C LYS A 1120 16.75 -86.57 -2.60
N VAL A 1121 16.90 -85.30 -2.20
CA VAL A 1121 17.82 -84.92 -1.13
C VAL A 1121 17.27 -83.66 -0.43
N TRP A 1122 17.19 -83.70 0.91
CA TRP A 1122 16.56 -82.64 1.69
C TRP A 1122 17.63 -81.72 2.28
N ILE A 1123 17.55 -80.42 1.92
CA ILE A 1123 18.40 -79.39 2.49
C ILE A 1123 17.66 -78.75 3.66
N GLU A 1124 18.25 -78.83 4.87
CA GLU A 1124 17.56 -78.42 6.09
C GLU A 1124 18.45 -77.46 6.87
N ILE A 1125 17.93 -76.24 7.14
CA ILE A 1125 18.60 -75.22 7.95
C ILE A 1125 18.04 -75.26 9.37
N GLY A 1126 18.91 -75.59 10.33
CA GLY A 1126 18.61 -75.42 11.75
C GLY A 1126 19.74 -74.69 12.46
N GLU A 1127 19.51 -74.35 13.74
CA GLU A 1127 20.56 -73.78 14.61
C GLU A 1127 20.40 -74.28 16.04
N THR A 1128 21.47 -74.10 16.83
CA THR A 1128 21.50 -74.47 18.25
C THR A 1128 20.76 -73.46 19.10
N GLU A 1129 21.17 -72.18 18.97
CA GLU A 1129 20.61 -71.07 19.72
C GLU A 1129 21.15 -69.77 19.14
N GLY A 1130 20.66 -68.64 19.64
CA GLY A 1130 21.02 -67.35 19.10
C GLY A 1130 20.36 -67.12 17.73
N THR A 1131 21.11 -66.50 16.81
CA THR A 1131 20.61 -66.17 15.48
C THR A 1131 21.62 -66.60 14.43
N PHE A 1132 21.10 -67.09 13.30
CA PHE A 1132 21.88 -67.63 12.20
C PHE A 1132 21.45 -66.90 10.94
N ILE A 1133 22.42 -66.28 10.25
CA ILE A 1133 22.14 -65.39 9.12
C ILE A 1133 22.81 -65.94 7.87
N VAL A 1134 21.99 -66.25 6.84
CA VAL A 1134 22.38 -67.02 5.67
C VAL A 1134 22.11 -66.19 4.41
N ASP A 1135 23.16 -65.91 3.62
CA ASP A 1135 23.00 -65.22 2.35
C ASP A 1135 22.51 -66.21 1.31
N SER A 1136 23.15 -67.39 1.23
CA SER A 1136 22.88 -68.33 0.16
C SER A 1136 23.30 -69.74 0.54
N VAL A 1137 22.45 -70.71 0.18
CA VAL A 1137 22.81 -72.11 0.08
C VAL A 1137 22.70 -72.52 -1.38
N GLU A 1138 23.85 -72.64 -2.06
CA GLU A 1138 23.86 -73.12 -3.43
C GLU A 1138 24.28 -74.59 -3.44
N LEU A 1139 23.92 -75.26 -4.53
CA LEU A 1139 24.25 -76.67 -4.73
C LEU A 1139 24.58 -76.84 -6.21
N LEU A 1140 25.80 -77.30 -6.51
CA LEU A 1140 26.28 -77.41 -7.88
C LEU A 1140 26.39 -78.87 -8.28
N LEU A 1141 26.22 -79.13 -9.59
CA LEU A 1141 26.63 -80.37 -10.22
C LEU A 1141 28.00 -80.15 -10.87
N MET A 1142 28.81 -81.20 -10.87
CA MET A 1142 30.18 -81.12 -11.39
C MET A 1142 30.22 -81.80 -12.77
N GLU A 1143 30.54 -81.01 -13.79
CA GLU A 1143 30.99 -81.54 -15.07
C GLU A 1143 32.29 -80.79 -15.40
N GLU A 1144 33.37 -81.57 -15.60
CA GLU A 1144 34.71 -81.00 -15.54
C GLU A 1144 35.45 -81.29 -16.86
UNK UNX B . 25.89 -53.02 -7.21
#